data_4N1L
# 
_entry.id   4N1L 
# 
_audit_conform.dict_name       mmcif_pdbx.dic 
_audit_conform.dict_version    5.387 
_audit_conform.dict_location   http://mmcif.pdb.org/dictionaries/ascii/mmcif_pdbx.dic 
# 
loop_
_database_2.database_id 
_database_2.database_code 
_database_2.pdbx_database_accession 
_database_2.pdbx_DOI 
PDB   4N1L         pdb_00004n1l 10.2210/pdb4n1l/pdb 
RCSB  RCSB082636   ?            ?                   
WWPDB D_1000082636 ?            ?                   
# 
loop_
_pdbx_audit_revision_history.ordinal 
_pdbx_audit_revision_history.data_content_type 
_pdbx_audit_revision_history.major_revision 
_pdbx_audit_revision_history.minor_revision 
_pdbx_audit_revision_history.revision_date 
1 'Structure model' 1 0 2014-07-16 
2 'Structure model' 1 1 2014-09-24 
3 'Structure model' 1 2 2017-11-15 
4 'Structure model' 1 3 2024-02-28 
# 
_pdbx_audit_revision_details.ordinal             1 
_pdbx_audit_revision_details.revision_ordinal    1 
_pdbx_audit_revision_details.data_content_type   'Structure model' 
_pdbx_audit_revision_details.provider            repository 
_pdbx_audit_revision_details.type                'Initial release' 
_pdbx_audit_revision_details.description         ? 
_pdbx_audit_revision_details.details             ? 
# 
loop_
_pdbx_audit_revision_group.ordinal 
_pdbx_audit_revision_group.revision_ordinal 
_pdbx_audit_revision_group.data_content_type 
_pdbx_audit_revision_group.group 
1 2 'Structure model' 'Database references'    
2 3 'Structure model' 'Refinement description' 
3 4 'Structure model' 'Data collection'        
4 4 'Structure model' 'Database references'    
# 
loop_
_pdbx_audit_revision_category.ordinal 
_pdbx_audit_revision_category.revision_ordinal 
_pdbx_audit_revision_category.data_content_type 
_pdbx_audit_revision_category.category 
1 3 'Structure model' software           
2 4 'Structure model' chem_comp_atom     
3 4 'Structure model' chem_comp_bond     
4 4 'Structure model' database_2         
5 4 'Structure model' struct_ref_seq_dif 
# 
loop_
_pdbx_audit_revision_item.ordinal 
_pdbx_audit_revision_item.revision_ordinal 
_pdbx_audit_revision_item.data_content_type 
_pdbx_audit_revision_item.item 
1 4 'Structure model' '_database_2.pdbx_DOI'                
2 4 'Structure model' '_database_2.pdbx_database_accession' 
3 4 'Structure model' '_struct_ref_seq_dif.details'         
# 
_pdbx_database_status.status_code                     REL 
_pdbx_database_status.entry_id                        4N1L 
_pdbx_database_status.recvd_initial_deposition_date   2013-10-04 
_pdbx_database_status.deposit_site                    RCSB 
_pdbx_database_status.process_site                    RCSB 
_pdbx_database_status.status_code_sf                  REL 
_pdbx_database_status.status_code_mr                  ? 
_pdbx_database_status.SG_entry                        ? 
_pdbx_database_status.status_code_cs                  ? 
_pdbx_database_status.methods_development_category    ? 
_pdbx_database_status.pdb_format_compatible           Y 
_pdbx_database_status.status_code_nmr_data            ? 
# 
loop_
_pdbx_database_related.db_name 
_pdbx_database_related.db_id 
_pdbx_database_related.details 
_pdbx_database_related.content_type 
PDB 4N1J 'NLRP14 PYD'      unspecified 
PDB 4N1K 'NLRP14 PYD D86V' unspecified 
# 
loop_
_audit_author.name 
_audit_author.pdbx_ordinal 
'Eibl, C.'         1 
'Hessenberger, M.' 2 
'Wenger, J.'       3 
'Brandstetter, H.' 4 
# 
_citation.id                        primary 
_citation.title                     
'Structures of the NLRP14 pyrin domain reveal a conformational switch mechanism regulating its molecular interactions.' 
_citation.journal_abbrev            'Acta Crystallogr.,Sect.D' 
_citation.journal_volume            70 
_citation.page_first                2007 
_citation.page_last                 2018 
_citation.year                      2014 
_citation.journal_id_ASTM           ABCRE6 
_citation.country                   DK 
_citation.journal_id_ISSN           0907-4449 
_citation.journal_id_CSD            0766 
_citation.book_publisher            ? 
_citation.pdbx_database_id_PubMed   25004977 
_citation.pdbx_database_id_DOI      10.1107/S1399004714010311 
# 
loop_
_citation_author.citation_id 
_citation_author.name 
_citation_author.ordinal 
_citation_author.identifier_ORCID 
primary 'Eibl, C.'         1 ? 
primary 'Hessenberger, M.' 2 ? 
primary 'Wenger, J.'       3 ? 
primary 'Brandstetter, H.' 4 ? 
# 
loop_
_entity.id 
_entity.type 
_entity.src_method 
_entity.pdbx_description 
_entity.formula_weight 
_entity.pdbx_number_of_molecules 
_entity.pdbx_ec 
_entity.pdbx_mutation 
_entity.pdbx_fragment 
_entity.details 
1 polymer man 'NACHT, LRR and PYD domains-containing protein 14' 12309.033 1  ? L84R 'UNP residues 1-100' ? 
2 water   nat water                                              18.015    54 ? ?    ?                    ? 
# 
_entity_name_com.entity_id   1 
_entity_name_com.name        'Nucleotide-binding oligomerization domain protein 5' 
# 
_entity_poly.entity_id                      1 
_entity_poly.type                           'polypeptide(L)' 
_entity_poly.nstd_linkage                   no 
_entity_poly.nstd_monomer                   no 
_entity_poly.pdbx_seq_one_letter_code       
;GSHMADSSSSSFFPDFGLLLYLEELNKEELNTFKLFLKETMEPEHGLTPWNEVKKARREDLANLMKKYYPGEKAWSVSLK
IFGKMNRKDLCERAKEEINWSAQLE
;
_entity_poly.pdbx_seq_one_letter_code_can   
;GSHMADSSSSSFFPDFGLLLYLEELNKEELNTFKLFLKETMEPEHGLTPWNEVKKARREDLANLMKKYYPGEKAWSVSLK
IFGKMNRKDLCERAKEEINWSAQLE
;
_entity_poly.pdbx_strand_id                 A 
_entity_poly.pdbx_target_identifier         ? 
# 
_pdbx_entity_nonpoly.entity_id   2 
_pdbx_entity_nonpoly.name        water 
_pdbx_entity_nonpoly.comp_id     HOH 
# 
loop_
_entity_poly_seq.entity_id 
_entity_poly_seq.num 
_entity_poly_seq.mon_id 
_entity_poly_seq.hetero 
1 1   GLY n 
1 2   SER n 
1 3   HIS n 
1 4   MET n 
1 5   ALA n 
1 6   ASP n 
1 7   SER n 
1 8   SER n 
1 9   SER n 
1 10  SER n 
1 11  SER n 
1 12  PHE n 
1 13  PHE n 
1 14  PRO n 
1 15  ASP n 
1 16  PHE n 
1 17  GLY n 
1 18  LEU n 
1 19  LEU n 
1 20  LEU n 
1 21  TYR n 
1 22  LEU n 
1 23  GLU n 
1 24  GLU n 
1 25  LEU n 
1 26  ASN n 
1 27  LYS n 
1 28  GLU n 
1 29  GLU n 
1 30  LEU n 
1 31  ASN n 
1 32  THR n 
1 33  PHE n 
1 34  LYS n 
1 35  LEU n 
1 36  PHE n 
1 37  LEU n 
1 38  LYS n 
1 39  GLU n 
1 40  THR n 
1 41  MET n 
1 42  GLU n 
1 43  PRO n 
1 44  GLU n 
1 45  HIS n 
1 46  GLY n 
1 47  LEU n 
1 48  THR n 
1 49  PRO n 
1 50  TRP n 
1 51  ASN n 
1 52  GLU n 
1 53  VAL n 
1 54  LYS n 
1 55  LYS n 
1 56  ALA n 
1 57  ARG n 
1 58  ARG n 
1 59  GLU n 
1 60  ASP n 
1 61  LEU n 
1 62  ALA n 
1 63  ASN n 
1 64  LEU n 
1 65  MET n 
1 66  LYS n 
1 67  LYS n 
1 68  TYR n 
1 69  TYR n 
1 70  PRO n 
1 71  GLY n 
1 72  GLU n 
1 73  LYS n 
1 74  ALA n 
1 75  TRP n 
1 76  SER n 
1 77  VAL n 
1 78  SER n 
1 79  LEU n 
1 80  LYS n 
1 81  ILE n 
1 82  PHE n 
1 83  GLY n 
1 84  LYS n 
1 85  MET n 
1 86  ASN n 
1 87  ARG n 
1 88  LYS n 
1 89  ASP n 
1 90  LEU n 
1 91  CYS n 
1 92  GLU n 
1 93  ARG n 
1 94  ALA n 
1 95  LYS n 
1 96  GLU n 
1 97  GLU n 
1 98  ILE n 
1 99  ASN n 
1 100 TRP n 
1 101 SER n 
1 102 ALA n 
1 103 GLN n 
1 104 LEU n 
1 105 GLU n 
# 
_entity_src_gen.entity_id                          1 
_entity_src_gen.pdbx_src_id                        1 
_entity_src_gen.pdbx_alt_source_flag               sample 
_entity_src_gen.pdbx_seq_type                      ? 
_entity_src_gen.pdbx_beg_seq_num                   ? 
_entity_src_gen.pdbx_end_seq_num                   ? 
_entity_src_gen.gene_src_common_name               human 
_entity_src_gen.gene_src_genus                     ? 
_entity_src_gen.pdbx_gene_src_gene                 'NLRP14, NALP14, NOD5' 
_entity_src_gen.gene_src_species                   ? 
_entity_src_gen.gene_src_strain                    ? 
_entity_src_gen.gene_src_tissue                    ? 
_entity_src_gen.gene_src_tissue_fraction           ? 
_entity_src_gen.gene_src_details                   ? 
_entity_src_gen.pdbx_gene_src_fragment             ? 
_entity_src_gen.pdbx_gene_src_scientific_name      'Homo sapiens' 
_entity_src_gen.pdbx_gene_src_ncbi_taxonomy_id     9606 
_entity_src_gen.pdbx_gene_src_variant              ? 
_entity_src_gen.pdbx_gene_src_cell_line            ? 
_entity_src_gen.pdbx_gene_src_atcc                 ? 
_entity_src_gen.pdbx_gene_src_organ                ? 
_entity_src_gen.pdbx_gene_src_organelle            ? 
_entity_src_gen.pdbx_gene_src_cell                 ? 
_entity_src_gen.pdbx_gene_src_cellular_location    ? 
_entity_src_gen.host_org_common_name               ? 
_entity_src_gen.pdbx_host_org_scientific_name      'Escherichia coli' 
_entity_src_gen.pdbx_host_org_ncbi_taxonomy_id     469008 
_entity_src_gen.host_org_genus                     ? 
_entity_src_gen.pdbx_host_org_gene                 ? 
_entity_src_gen.pdbx_host_org_organ                ? 
_entity_src_gen.host_org_species                   ? 
_entity_src_gen.pdbx_host_org_tissue               ? 
_entity_src_gen.pdbx_host_org_tissue_fraction      ? 
_entity_src_gen.pdbx_host_org_strain               'Bl21 Star (DE3)' 
_entity_src_gen.pdbx_host_org_variant              ? 
_entity_src_gen.pdbx_host_org_cell_line            ? 
_entity_src_gen.pdbx_host_org_atcc                 ? 
_entity_src_gen.pdbx_host_org_culture_collection   ? 
_entity_src_gen.pdbx_host_org_cell                 ? 
_entity_src_gen.pdbx_host_org_organelle            ? 
_entity_src_gen.pdbx_host_org_cellular_location    ? 
_entity_src_gen.pdbx_host_org_vector_type          pET28 
_entity_src_gen.pdbx_host_org_vector               ? 
_entity_src_gen.host_org_details                   ? 
_entity_src_gen.expression_system_id               ? 
_entity_src_gen.plasmid_name                       ? 
_entity_src_gen.plasmid_details                    ? 
_entity_src_gen.pdbx_description                   ? 
# 
loop_
_chem_comp.id 
_chem_comp.type 
_chem_comp.mon_nstd_flag 
_chem_comp.name 
_chem_comp.pdbx_synonyms 
_chem_comp.formula 
_chem_comp.formula_weight 
ALA 'L-peptide linking' y ALANINE         ? 'C3 H7 N O2'     89.093  
ARG 'L-peptide linking' y ARGININE        ? 'C6 H15 N4 O2 1' 175.209 
ASN 'L-peptide linking' y ASPARAGINE      ? 'C4 H8 N2 O3'    132.118 
ASP 'L-peptide linking' y 'ASPARTIC ACID' ? 'C4 H7 N O4'     133.103 
CYS 'L-peptide linking' y CYSTEINE        ? 'C3 H7 N O2 S'   121.158 
GLN 'L-peptide linking' y GLUTAMINE       ? 'C5 H10 N2 O3'   146.144 
GLU 'L-peptide linking' y 'GLUTAMIC ACID' ? 'C5 H9 N O4'     147.129 
GLY 'peptide linking'   y GLYCINE         ? 'C2 H5 N O2'     75.067  
HIS 'L-peptide linking' y HISTIDINE       ? 'C6 H10 N3 O2 1' 156.162 
HOH non-polymer         . WATER           ? 'H2 O'           18.015  
ILE 'L-peptide linking' y ISOLEUCINE      ? 'C6 H13 N O2'    131.173 
LEU 'L-peptide linking' y LEUCINE         ? 'C6 H13 N O2'    131.173 
LYS 'L-peptide linking' y LYSINE          ? 'C6 H15 N2 O2 1' 147.195 
MET 'L-peptide linking' y METHIONINE      ? 'C5 H11 N O2 S'  149.211 
PHE 'L-peptide linking' y PHENYLALANINE   ? 'C9 H11 N O2'    165.189 
PRO 'L-peptide linking' y PROLINE         ? 'C5 H9 N O2'     115.130 
SER 'L-peptide linking' y SERINE          ? 'C3 H7 N O3'     105.093 
THR 'L-peptide linking' y THREONINE       ? 'C4 H9 N O3'     119.119 
TRP 'L-peptide linking' y TRYPTOPHAN      ? 'C11 H12 N2 O2'  204.225 
TYR 'L-peptide linking' y TYROSINE        ? 'C9 H11 N O3'    181.189 
VAL 'L-peptide linking' y VALINE          ? 'C5 H11 N O2'    117.146 
# 
loop_
_pdbx_poly_seq_scheme.asym_id 
_pdbx_poly_seq_scheme.entity_id 
_pdbx_poly_seq_scheme.seq_id 
_pdbx_poly_seq_scheme.mon_id 
_pdbx_poly_seq_scheme.ndb_seq_num 
_pdbx_poly_seq_scheme.pdb_seq_num 
_pdbx_poly_seq_scheme.auth_seq_num 
_pdbx_poly_seq_scheme.pdb_mon_id 
_pdbx_poly_seq_scheme.auth_mon_id 
_pdbx_poly_seq_scheme.pdb_strand_id 
_pdbx_poly_seq_scheme.pdb_ins_code 
_pdbx_poly_seq_scheme.hetero 
A 1 1   GLY 1   -2  ?   ?   ?   A . n 
A 1 2   SER 2   -1  ?   ?   ?   A . n 
A 1 3   HIS 3   0   ?   ?   ?   A . n 
A 1 4   MET 4   1   ?   ?   ?   A . n 
A 1 5   ALA 5   2   ?   ?   ?   A . n 
A 1 6   ASP 6   3   ?   ?   ?   A . n 
A 1 7   SER 7   4   ?   ?   ?   A . n 
A 1 8   SER 8   5   ?   ?   ?   A . n 
A 1 9   SER 9   6   ?   ?   ?   A . n 
A 1 10  SER 10  7   7   SER SER A . n 
A 1 11  SER 11  8   8   SER SER A . n 
A 1 12  PHE 12  9   9   PHE PHE A . n 
A 1 13  PHE 13  10  10  PHE PHE A . n 
A 1 14  PRO 14  11  11  PRO PRO A . n 
A 1 15  ASP 15  12  12  ASP ASP A . n 
A 1 16  PHE 16  13  13  PHE PHE A . n 
A 1 17  GLY 17  14  14  GLY GLY A . n 
A 1 18  LEU 18  15  15  LEU LEU A . n 
A 1 19  LEU 19  16  16  LEU LEU A . n 
A 1 20  LEU 20  17  17  LEU LEU A . n 
A 1 21  TYR 21  18  18  TYR TYR A . n 
A 1 22  LEU 22  19  19  LEU LEU A . n 
A 1 23  GLU 23  20  20  GLU GLU A . n 
A 1 24  GLU 24  21  21  GLU GLU A . n 
A 1 25  LEU 25  22  22  LEU LEU A . n 
A 1 26  ASN 26  23  23  ASN ASN A . n 
A 1 27  LYS 27  24  24  LYS LYS A . n 
A 1 28  GLU 28  25  25  GLU GLU A . n 
A 1 29  GLU 29  26  26  GLU GLU A . n 
A 1 30  LEU 30  27  27  LEU LEU A . n 
A 1 31  ASN 31  28  28  ASN ASN A . n 
A 1 32  THR 32  29  29  THR THR A . n 
A 1 33  PHE 33  30  30  PHE PHE A . n 
A 1 34  LYS 34  31  31  LYS LYS A . n 
A 1 35  LEU 35  32  32  LEU LEU A . n 
A 1 36  PHE 36  33  33  PHE PHE A . n 
A 1 37  LEU 37  34  34  LEU LEU A . n 
A 1 38  LYS 38  35  35  LYS LYS A . n 
A 1 39  GLU 39  36  36  GLU GLU A . n 
A 1 40  THR 40  37  37  THR THR A . n 
A 1 41  MET 41  38  38  MET MET A . n 
A 1 42  GLU 42  39  39  GLU GLU A . n 
A 1 43  PRO 43  40  40  PRO PRO A . n 
A 1 44  GLU 44  41  41  GLU GLU A . n 
A 1 45  HIS 45  42  42  HIS HIS A . n 
A 1 46  GLY 46  43  43  GLY GLY A . n 
A 1 47  LEU 47  44  44  LEU LEU A . n 
A 1 48  THR 48  45  45  THR THR A . n 
A 1 49  PRO 49  46  46  PRO PRO A . n 
A 1 50  TRP 50  47  47  TRP TRP A . n 
A 1 51  ASN 51  48  48  ASN ASN A . n 
A 1 52  GLU 52  49  49  GLU GLU A . n 
A 1 53  VAL 53  50  50  VAL VAL A . n 
A 1 54  LYS 54  51  51  LYS LYS A . n 
A 1 55  LYS 55  52  52  LYS LYS A . n 
A 1 56  ALA 56  53  53  ALA ALA A . n 
A 1 57  ARG 57  54  54  ARG ARG A . n 
A 1 58  ARG 58  55  55  ARG ARG A . n 
A 1 59  GLU 59  56  56  GLU GLU A . n 
A 1 60  ASP 60  57  57  ASP ASP A . n 
A 1 61  LEU 61  58  58  LEU LEU A . n 
A 1 62  ALA 62  59  59  ALA ALA A . n 
A 1 63  ASN 63  60  60  ASN ASN A . n 
A 1 64  LEU 64  61  61  LEU LEU A . n 
A 1 65  MET 65  62  62  MET MET A . n 
A 1 66  LYS 66  63  63  LYS LYS A . n 
A 1 67  LYS 67  64  64  LYS LYS A . n 
A 1 68  TYR 68  65  65  TYR TYR A . n 
A 1 69  TYR 69  66  66  TYR TYR A . n 
A 1 70  PRO 70  67  67  PRO PRO A . n 
A 1 71  GLY 71  68  68  GLY GLY A . n 
A 1 72  GLU 72  69  69  GLU GLU A . n 
A 1 73  LYS 73  70  70  LYS LYS A . n 
A 1 74  ALA 74  71  71  ALA ALA A . n 
A 1 75  TRP 75  72  72  TRP TRP A . n 
A 1 76  SER 76  73  73  SER SER A . n 
A 1 77  VAL 77  74  74  VAL VAL A . n 
A 1 78  SER 78  75  75  SER SER A . n 
A 1 79  LEU 79  76  76  LEU LEU A . n 
A 1 80  LYS 80  77  77  LYS LYS A . n 
A 1 81  ILE 81  78  78  ILE ILE A . n 
A 1 82  PHE 82  79  79  PHE PHE A . n 
A 1 83  GLY 83  80  80  GLY GLY A . n 
A 1 84  LYS 84  81  81  LYS LYS A . n 
A 1 85  MET 85  82  82  MET MET A . n 
A 1 86  ASN 86  83  83  ASN ASN A . n 
A 1 87  ARG 87  84  84  ARG ARG A . n 
A 1 88  LYS 88  85  85  LYS LYS A . n 
A 1 89  ASP 89  86  86  ASP ASP A . n 
A 1 90  LEU 90  87  87  LEU LEU A . n 
A 1 91  CYS 91  88  88  CYS CYS A . n 
A 1 92  GLU 92  89  89  GLU GLU A . n 
A 1 93  ARG 93  90  90  ARG ARG A . n 
A 1 94  ALA 94  91  91  ALA ALA A . n 
A 1 95  LYS 95  92  92  LYS LYS A . n 
A 1 96  GLU 96  93  93  GLU GLU A . n 
A 1 97  GLU 97  94  94  GLU GLU A . n 
A 1 98  ILE 98  95  95  ILE ILE A . n 
A 1 99  ASN 99  96  96  ASN ASN A . n 
A 1 100 TRP 100 97  97  TRP TRP A . n 
A 1 101 SER 101 98  98  SER SER A . n 
A 1 102 ALA 102 99  99  ALA ALA A . n 
A 1 103 GLN 103 100 100 GLN GLN A . n 
A 1 104 LEU 104 101 101 LEU LEU A . n 
A 1 105 GLU 105 102 ?   ?   ?   A . n 
# 
loop_
_pdbx_nonpoly_scheme.asym_id 
_pdbx_nonpoly_scheme.entity_id 
_pdbx_nonpoly_scheme.mon_id 
_pdbx_nonpoly_scheme.ndb_seq_num 
_pdbx_nonpoly_scheme.pdb_seq_num 
_pdbx_nonpoly_scheme.auth_seq_num 
_pdbx_nonpoly_scheme.pdb_mon_id 
_pdbx_nonpoly_scheme.auth_mon_id 
_pdbx_nonpoly_scheme.pdb_strand_id 
_pdbx_nonpoly_scheme.pdb_ins_code 
B 2 HOH 1  201 1  HOH HOH A . 
B 2 HOH 2  202 2  HOH HOH A . 
B 2 HOH 3  203 3  HOH HOH A . 
B 2 HOH 4  204 4  HOH HOH A . 
B 2 HOH 5  205 5  HOH HOH A . 
B 2 HOH 6  206 6  HOH HOH A . 
B 2 HOH 7  207 7  HOH HOH A . 
B 2 HOH 8  208 8  HOH HOH A . 
B 2 HOH 9  209 9  HOH HOH A . 
B 2 HOH 10 210 10 HOH HOH A . 
B 2 HOH 11 211 11 HOH HOH A . 
B 2 HOH 12 212 12 HOH HOH A . 
B 2 HOH 13 213 13 HOH HOH A . 
B 2 HOH 14 214 14 HOH HOH A . 
B 2 HOH 15 215 15 HOH HOH A . 
B 2 HOH 16 216 16 HOH HOH A . 
B 2 HOH 17 217 17 HOH HOH A . 
B 2 HOH 18 218 18 HOH HOH A . 
B 2 HOH 19 219 19 HOH HOH A . 
B 2 HOH 20 220 20 HOH HOH A . 
B 2 HOH 21 221 21 HOH HOH A . 
B 2 HOH 22 222 22 HOH HOH A . 
B 2 HOH 23 223 23 HOH HOH A . 
B 2 HOH 24 224 24 HOH HOH A . 
B 2 HOH 25 225 25 HOH HOH A . 
B 2 HOH 26 226 26 HOH HOH A . 
B 2 HOH 27 227 27 HOH HOH A . 
B 2 HOH 28 228 28 HOH HOH A . 
B 2 HOH 29 229 29 HOH HOH A . 
B 2 HOH 30 230 30 HOH HOH A . 
B 2 HOH 31 231 31 HOH HOH A . 
B 2 HOH 32 232 32 HOH HOH A . 
B 2 HOH 33 233 33 HOH HOH A . 
B 2 HOH 34 234 34 HOH HOH A . 
B 2 HOH 35 235 35 HOH HOH A . 
B 2 HOH 36 236 36 HOH HOH A . 
B 2 HOH 37 237 37 HOH HOH A . 
B 2 HOH 38 238 38 HOH HOH A . 
B 2 HOH 39 239 39 HOH HOH A . 
B 2 HOH 40 240 40 HOH HOH A . 
B 2 HOH 41 241 41 HOH HOH A . 
B 2 HOH 42 242 44 HOH HOH A . 
B 2 HOH 43 243 45 HOH HOH A . 
B 2 HOH 44 244 46 HOH HOH A . 
B 2 HOH 45 245 47 HOH HOH A . 
B 2 HOH 46 246 48 HOH HOH A . 
B 2 HOH 47 247 49 HOH HOH A . 
B 2 HOH 48 248 50 HOH HOH A . 
B 2 HOH 49 249 51 HOH HOH A . 
B 2 HOH 50 250 52 HOH HOH A . 
B 2 HOH 51 251 53 HOH HOH A . 
B 2 HOH 52 252 54 HOH HOH A . 
B 2 HOH 53 253 55 HOH HOH A . 
B 2 HOH 54 254 56 HOH HOH A . 
# 
loop_
_software.name 
_software.classification 
_software.version 
_software.citation_id 
_software.pdbx_ordinal 
MxCuBE 'data collection' .                             ? 1 
PHENIX refinement        '(phenix.refine: 1.8.3_1479)' ? 2 
MOSFLM 'data reduction'  .                             ? 3 
SCALA  'data scaling'    .                             ? 4 
# 
_cell.entry_id           4N1L 
_cell.length_a           51.350 
_cell.length_b           62.550 
_cell.length_c           29.110 
_cell.angle_alpha        90.00 
_cell.angle_beta         90.00 
_cell.angle_gamma        90.00 
_cell.Z_PDB              4 
_cell.pdbx_unique_axis   ? 
_cell.length_a_esd       ? 
_cell.length_b_esd       ? 
_cell.length_c_esd       ? 
_cell.angle_alpha_esd    ? 
_cell.angle_beta_esd     ? 
_cell.angle_gamma_esd    ? 
# 
_symmetry.entry_id                         4N1L 
_symmetry.space_group_name_H-M             'P 21 21 2' 
_symmetry.pdbx_full_space_group_name_H-M   ? 
_symmetry.cell_setting                     ? 
_symmetry.Int_Tables_number                18 
_symmetry.space_group_name_Hall            ? 
# 
_exptl.entry_id          4N1L 
_exptl.method            'X-RAY DIFFRACTION' 
_exptl.crystals_number   1 
# 
_exptl_crystal.id                    1 
_exptl_crystal.density_meas          ? 
_exptl_crystal.density_Matthews      1.90 
_exptl_crystal.density_percent_sol   35.31 
_exptl_crystal.description           ? 
_exptl_crystal.F_000                 ? 
_exptl_crystal.preparation           ? 
# 
_exptl_crystal_grow.crystal_id      1 
_exptl_crystal_grow.method          'VAPOR DIFFUSION, SITTING DROP' 
_exptl_crystal_grow.temp            293 
_exptl_crystal_grow.temp_details    ? 
_exptl_crystal_grow.pH              8.0 
_exptl_crystal_grow.pdbx_pH_range   ? 
_exptl_crystal_grow.pdbx_details    
'0.2 M Ammonium acetate and 2.2 M Ammonium sulfate , pH 8.0, VAPOR DIFFUSION, SITTING DROP, temperature 293K' 
# 
_diffrn.id                     1 
_diffrn.ambient_temp           100 
_diffrn.ambient_temp_details   ? 
_diffrn.crystal_id             1 
# 
_diffrn_detector.diffrn_id              1 
_diffrn_detector.detector               CCD 
_diffrn_detector.type                   'MARMOSAIC 225 mm CCD' 
_diffrn_detector.pdbx_collection_date   2012-10-08 
_diffrn_detector.details                mirrors 
# 
_diffrn_radiation.diffrn_id                        1 
_diffrn_radiation.wavelength_id                    1 
_diffrn_radiation.pdbx_monochromatic_or_laue_m_l   M 
_diffrn_radiation.monochromator                    'horizontally side diffracting Silicon 111 crystal' 
_diffrn_radiation.pdbx_diffrn_protocol             'SINGLE WAVELENGTH' 
_diffrn_radiation.pdbx_scattering_type             x-ray 
# 
_diffrn_radiation_wavelength.id           1 
_diffrn_radiation_wavelength.wavelength   0.87260 
_diffrn_radiation_wavelength.wt           1.0 
# 
_diffrn_source.diffrn_id                   1 
_diffrn_source.source                      SYNCHROTRON 
_diffrn_source.type                        'ESRF BEAMLINE ID23-2' 
_diffrn_source.pdbx_synchrotron_site       ESRF 
_diffrn_source.pdbx_synchrotron_beamline   ID23-2 
_diffrn_source.pdbx_wavelength             ? 
_diffrn_source.pdbx_wavelength_list        0.87260 
# 
_reflns.pdbx_diffrn_id               1 
_reflns.pdbx_ordinal                 1 
_reflns.entry_id                     4N1L 
_reflns.observed_criterion_sigma_I   0.00 
_reflns.observed_criterion_sigma_F   0.00 
_reflns.d_resolution_low             39.72 
_reflns.d_resolution_high            1.986 
_reflns.number_obs                   6916 
_reflns.number_all                   ? 
_reflns.percent_possible_obs         100.0 
_reflns.pdbx_Rmerge_I_obs            ? 
_reflns.pdbx_Rsym_value              ? 
_reflns.pdbx_netI_over_sigmaI        ? 
_reflns.B_iso_Wilson_estimate        ? 
_reflns.pdbx_redundancy              6.4 
_reflns.R_free_details               ? 
_reflns.limit_h_max                  ? 
_reflns.limit_h_min                  ? 
_reflns.limit_k_max                  ? 
_reflns.limit_k_min                  ? 
_reflns.limit_l_max                  ? 
_reflns.limit_l_min                  ? 
_reflns.observed_criterion_F_max     ? 
_reflns.observed_criterion_F_min     ? 
_reflns.pdbx_chi_squared             ? 
_reflns.pdbx_scaling_rejects         ? 
# 
_reflns_shell.pdbx_diffrn_id         1 
_reflns_shell.pdbx_ordinal           1 
_reflns_shell.d_res_high             1.986 
_reflns_shell.d_res_low              2.09 
_reflns_shell.percent_possible_all   100.0 
_reflns_shell.Rmerge_I_obs           ? 
_reflns_shell.pdbx_Rsym_value        ? 
_reflns_shell.meanI_over_sigI_obs    ? 
_reflns_shell.pdbx_redundancy        ? 
_reflns_shell.percent_possible_obs   ? 
_reflns_shell.number_unique_all      ? 
_reflns_shell.number_measured_all    ? 
_reflns_shell.number_measured_obs    ? 
_reflns_shell.number_unique_obs      ? 
_reflns_shell.pdbx_chi_squared       ? 
# 
_refine.pdbx_refine_id                           'X-RAY DIFFRACTION' 
_refine.entry_id                                 4N1L 
_refine.pdbx_diffrn_id                           1 
_refine.pdbx_TLS_residual_ADP_flag               ? 
_refine.ls_number_reflns_obs                     6879 
_refine.ls_number_reflns_all                     6887 
_refine.pdbx_ls_sigma_I                          ? 
_refine.pdbx_ls_sigma_F                          1.36 
_refine.pdbx_data_cutoff_high_absF               ? 
_refine.pdbx_data_cutoff_low_absF                ? 
_refine.pdbx_data_cutoff_high_rms_absF           ? 
_refine.ls_d_res_low                             39.689 
_refine.ls_d_res_high                            1.986 
_refine.ls_percent_reflns_obs                    99.96 
_refine.ls_R_factor_obs                          0.1841 
_refine.ls_R_factor_all                          ? 
_refine.ls_R_factor_R_work                       0.1821 
_refine.ls_R_factor_R_free                       0.2217 
_refine.ls_R_factor_R_free_error                 ? 
_refine.ls_R_factor_R_free_error_details         ? 
_refine.ls_percent_reflns_R_free                 4.77 
_refine.ls_number_reflns_R_free                  328 
_refine.ls_number_parameters                     ? 
_refine.ls_number_restraints                     ? 
_refine.occupancy_min                            ? 
_refine.occupancy_max                            ? 
_refine.correlation_coeff_Fo_to_Fc               ? 
_refine.correlation_coeff_Fo_to_Fc_free          ? 
_refine.B_iso_mean                               ? 
_refine.aniso_B[1][1]                            ? 
_refine.aniso_B[2][2]                            ? 
_refine.aniso_B[3][3]                            ? 
_refine.aniso_B[1][2]                            ? 
_refine.aniso_B[1][3]                            ? 
_refine.aniso_B[2][3]                            ? 
_refine.solvent_model_details                    'FLAT BULK SOLVENT MODEL' 
_refine.solvent_model_param_ksol                 ? 
_refine.solvent_model_param_bsol                 ? 
_refine.pdbx_solvent_vdw_probe_radii             1.11 
_refine.pdbx_solvent_ion_probe_radii             ? 
_refine.pdbx_solvent_shrinkage_radii             0.90 
_refine.pdbx_ls_cross_valid_method               ? 
_refine.details                                  ? 
_refine.pdbx_starting_model                      'NLRP14 PYD Ser6-Pro67' 
_refine.pdbx_method_to_determine_struct          'MOLECULAR REPLACEMENT' 
_refine.pdbx_isotropic_thermal_model             ? 
_refine.pdbx_stereochemistry_target_values       ML 
_refine.pdbx_stereochem_target_val_spec_case     ? 
_refine.pdbx_R_Free_selection_details            ? 
_refine.pdbx_overall_ESU_R                       ? 
_refine.pdbx_overall_ESU_R_Free                  ? 
_refine.overall_SU_ML                            0.17 
_refine.pdbx_overall_phase_error                 22.32 
_refine.overall_SU_B                             ? 
_refine.overall_SU_R_Cruickshank_DPI             ? 
_refine.pdbx_overall_SU_R_free_Cruickshank_DPI   ? 
_refine.pdbx_overall_SU_R_Blow_DPI               ? 
_refine.pdbx_overall_SU_R_free_Blow_DPI          ? 
_refine.ls_redundancy_reflns_obs                 ? 
_refine.B_iso_min                                ? 
_refine.B_iso_max                                ? 
_refine.overall_SU_R_free                        ? 
_refine.ls_wR_factor_R_free                      ? 
_refine.ls_wR_factor_R_work                      ? 
_refine.overall_FOM_free_R_set                   ? 
_refine.overall_FOM_work_R_set                   ? 
# 
_refine_hist.pdbx_refine_id                   'X-RAY DIFFRACTION' 
_refine_hist.cycle_id                         LAST 
_refine_hist.pdbx_number_atoms_protein        796 
_refine_hist.pdbx_number_atoms_nucleic_acid   0 
_refine_hist.pdbx_number_atoms_ligand         0 
_refine_hist.number_atoms_solvent             54 
_refine_hist.number_atoms_total               850 
_refine_hist.d_res_high                       1.986 
_refine_hist.d_res_low                        39.689 
# 
loop_
_refine_ls_restr.type 
_refine_ls_restr.dev_ideal 
_refine_ls_restr.dev_ideal_target 
_refine_ls_restr.weight 
_refine_ls_restr.number 
_refine_ls_restr.pdbx_refine_id 
_refine_ls_restr.pdbx_restraint_function 
f_bond_d           0.007  ? ? 822  'X-RAY DIFFRACTION' ? 
f_angle_d          1.029  ? ? 1104 'X-RAY DIFFRACTION' ? 
f_dihedral_angle_d 12.912 ? ? 318  'X-RAY DIFFRACTION' ? 
f_chiral_restr     0.043  ? ? 113  'X-RAY DIFFRACTION' ? 
f_plane_restr      0.004  ? ? 140  'X-RAY DIFFRACTION' ? 
# 
loop_
_refine_ls_shell.pdbx_refine_id 
_refine_ls_shell.pdbx_total_number_of_bins_used 
_refine_ls_shell.d_res_high 
_refine_ls_shell.d_res_low 
_refine_ls_shell.number_reflns_R_work 
_refine_ls_shell.R_factor_R_work 
_refine_ls_shell.percent_reflns_obs 
_refine_ls_shell.R_factor_R_free 
_refine_ls_shell.R_factor_R_free_error 
_refine_ls_shell.percent_reflns_R_free 
_refine_ls_shell.number_reflns_R_free 
_refine_ls_shell.number_reflns_all 
_refine_ls_shell.R_factor_all 
_refine_ls_shell.redundancy_reflns_obs 
_refine_ls_shell.number_reflns_obs 
'X-RAY DIFFRACTION' . 1.986  2.5022  3172 0.1911 100.00 0.2226 . . 172 . . . . 
'X-RAY DIFFRACTION' . 2.5022 39.6968 3379 0.1785 100.00 0.2212 . . 156 . . . . 
# 
_struct.entry_id                  4N1L 
_struct.title                     
'Crystal structures of NLRP14 pyrin domain reveal a conformational switch mechanism, regulating its molecular interactions' 
_struct.pdbx_model_details        ? 
_struct.pdbx_CASP_flag            ? 
_struct.pdbx_model_type_details   ? 
# 
_struct_keywords.entry_id        4N1L 
_struct_keywords.pdbx_keywords   'SIGNALING PROTEIN' 
_struct_keywords.text            
'death domain fold, pyrin domain, NOD-like receptor, signaling protein, protein binding, spermatogenesis, innate immunity' 
# 
loop_
_struct_asym.id 
_struct_asym.pdbx_blank_PDB_chainid_flag 
_struct_asym.pdbx_modified 
_struct_asym.entity_id 
_struct_asym.details 
A N N 1 ? 
B N N 2 ? 
# 
_struct_ref.id                         1 
_struct_ref.db_name                    UNP 
_struct_ref.db_code                    NAL14_HUMAN 
_struct_ref.pdbx_db_accession          Q86W24 
_struct_ref.entity_id                  1 
_struct_ref.pdbx_seq_one_letter_code   
;MADSSSSSFFPDFGLLLYLEELNKEELNTFKLFLKETMEPEHGLTPWNEVKKARREDLANLMKKYYPGEKAWSVSLKIFG
KMNLKDLCERAKEEINWSAQ
;
_struct_ref.pdbx_align_begin           1 
_struct_ref.pdbx_db_isoform            ? 
# 
_struct_ref_seq.align_id                      1 
_struct_ref_seq.ref_id                        1 
_struct_ref_seq.pdbx_PDB_id_code              4N1L 
_struct_ref_seq.pdbx_strand_id                A 
_struct_ref_seq.seq_align_beg                 4 
_struct_ref_seq.pdbx_seq_align_beg_ins_code   ? 
_struct_ref_seq.seq_align_end                 103 
_struct_ref_seq.pdbx_seq_align_end_ins_code   ? 
_struct_ref_seq.pdbx_db_accession             Q86W24 
_struct_ref_seq.db_align_beg                  1 
_struct_ref_seq.pdbx_db_align_beg_ins_code    ? 
_struct_ref_seq.db_align_end                  100 
_struct_ref_seq.pdbx_db_align_end_ins_code    ? 
_struct_ref_seq.pdbx_auth_seq_align_beg       1 
_struct_ref_seq.pdbx_auth_seq_align_end       100 
# 
loop_
_struct_ref_seq_dif.align_id 
_struct_ref_seq_dif.pdbx_pdb_id_code 
_struct_ref_seq_dif.mon_id 
_struct_ref_seq_dif.pdbx_pdb_strand_id 
_struct_ref_seq_dif.seq_num 
_struct_ref_seq_dif.pdbx_pdb_ins_code 
_struct_ref_seq_dif.pdbx_seq_db_name 
_struct_ref_seq_dif.pdbx_seq_db_accession_code 
_struct_ref_seq_dif.db_mon_id 
_struct_ref_seq_dif.pdbx_seq_db_seq_num 
_struct_ref_seq_dif.details 
_struct_ref_seq_dif.pdbx_auth_seq_num 
_struct_ref_seq_dif.pdbx_ordinal 
1 4N1L GLY A 1   ? UNP Q86W24 ?   ?  'expression tag'      -2  1 
1 4N1L SER A 2   ? UNP Q86W24 ?   ?  'expression tag'      -1  2 
1 4N1L HIS A 3   ? UNP Q86W24 ?   ?  'expression tag'      0   3 
1 4N1L ARG A 87  ? UNP Q86W24 LEU 84 'engineered mutation' 84  4 
1 4N1L LEU A 104 ? UNP Q86W24 ?   ?  'expression tag'      101 5 
1 4N1L GLU A 105 ? UNP Q86W24 ?   ?  'expression tag'      102 6 
# 
_pdbx_struct_assembly.id                   1 
_pdbx_struct_assembly.details              author_and_software_defined_assembly 
_pdbx_struct_assembly.method_details       PISA 
_pdbx_struct_assembly.oligomeric_details   monomeric 
_pdbx_struct_assembly.oligomeric_count     1 
# 
_pdbx_struct_assembly_gen.assembly_id       1 
_pdbx_struct_assembly_gen.oper_expression   1 
_pdbx_struct_assembly_gen.asym_id_list      A,B 
# 
_pdbx_struct_oper_list.id                   1 
_pdbx_struct_oper_list.type                 'identity operation' 
_pdbx_struct_oper_list.name                 1_555 
_pdbx_struct_oper_list.symmetry_operation   x,y,z 
_pdbx_struct_oper_list.matrix[1][1]         1.0000000000 
_pdbx_struct_oper_list.matrix[1][2]         0.0000000000 
_pdbx_struct_oper_list.matrix[1][3]         0.0000000000 
_pdbx_struct_oper_list.vector[1]            0.0000000000 
_pdbx_struct_oper_list.matrix[2][1]         0.0000000000 
_pdbx_struct_oper_list.matrix[2][2]         1.0000000000 
_pdbx_struct_oper_list.matrix[2][3]         0.0000000000 
_pdbx_struct_oper_list.vector[2]            0.0000000000 
_pdbx_struct_oper_list.matrix[3][1]         0.0000000000 
_pdbx_struct_oper_list.matrix[3][2]         0.0000000000 
_pdbx_struct_oper_list.matrix[3][3]         1.0000000000 
_pdbx_struct_oper_list.vector[3]            0.0000000000 
# 
_struct_biol.id        1 
_struct_biol.details   ? 
# 
loop_
_struct_conf.conf_type_id 
_struct_conf.id 
_struct_conf.pdbx_PDB_helix_id 
_struct_conf.beg_label_comp_id 
_struct_conf.beg_label_asym_id 
_struct_conf.beg_label_seq_id 
_struct_conf.pdbx_beg_PDB_ins_code 
_struct_conf.end_label_comp_id 
_struct_conf.end_label_asym_id 
_struct_conf.end_label_seq_id 
_struct_conf.pdbx_end_PDB_ins_code 
_struct_conf.beg_auth_comp_id 
_struct_conf.beg_auth_asym_id 
_struct_conf.beg_auth_seq_id 
_struct_conf.end_auth_comp_id 
_struct_conf.end_auth_asym_id 
_struct_conf.end_auth_seq_id 
_struct_conf.pdbx_PDB_helix_class 
_struct_conf.details 
_struct_conf.pdbx_PDB_helix_length 
HELX_P HELX_P1 1 SER A 11 ? PHE A 16  ? SER A 8  PHE A 13  1 ? 6  
HELX_P HELX_P2 2 PHE A 16 ? GLU A 23  ? PHE A 13 GLU A 20  1 ? 8  
HELX_P HELX_P3 3 ASN A 26 ? GLU A 42  ? ASN A 23 GLU A 39  1 ? 17 
HELX_P HELX_P4 4 LEU A 47 ? ALA A 56  ? LEU A 44 ALA A 53  1 ? 10 
HELX_P HELX_P5 5 ARG A 57 ? TYR A 69  ? ARG A 54 TYR A 66  1 ? 13 
HELX_P HELX_P6 6 GLY A 71 ? MET A 85  ? GLY A 68 MET A 82  1 ? 15 
HELX_P HELX_P7 7 ARG A 87 ? LEU A 104 ? ARG A 84 LEU A 101 1 ? 18 
# 
_struct_conf_type.id          HELX_P 
_struct_conf_type.criteria    ? 
_struct_conf_type.reference   ? 
# 
_struct_mon_prot_cis.pdbx_id                1 
_struct_mon_prot_cis.label_comp_id          GLU 
_struct_mon_prot_cis.label_seq_id           42 
_struct_mon_prot_cis.label_asym_id          A 
_struct_mon_prot_cis.label_alt_id           . 
_struct_mon_prot_cis.pdbx_PDB_ins_code      ? 
_struct_mon_prot_cis.auth_comp_id           GLU 
_struct_mon_prot_cis.auth_seq_id            39 
_struct_mon_prot_cis.auth_asym_id           A 
_struct_mon_prot_cis.pdbx_label_comp_id_2   PRO 
_struct_mon_prot_cis.pdbx_label_seq_id_2    43 
_struct_mon_prot_cis.pdbx_label_asym_id_2   A 
_struct_mon_prot_cis.pdbx_PDB_ins_code_2    ? 
_struct_mon_prot_cis.pdbx_auth_comp_id_2    PRO 
_struct_mon_prot_cis.pdbx_auth_seq_id_2     40 
_struct_mon_prot_cis.pdbx_auth_asym_id_2    A 
_struct_mon_prot_cis.pdbx_PDB_model_num     1 
_struct_mon_prot_cis.pdbx_omega_angle       3.49 
# 
loop_
_pdbx_unobs_or_zero_occ_residues.id 
_pdbx_unobs_or_zero_occ_residues.PDB_model_num 
_pdbx_unobs_or_zero_occ_residues.polymer_flag 
_pdbx_unobs_or_zero_occ_residues.occupancy_flag 
_pdbx_unobs_or_zero_occ_residues.auth_asym_id 
_pdbx_unobs_or_zero_occ_residues.auth_comp_id 
_pdbx_unobs_or_zero_occ_residues.auth_seq_id 
_pdbx_unobs_or_zero_occ_residues.PDB_ins_code 
_pdbx_unobs_or_zero_occ_residues.label_asym_id 
_pdbx_unobs_or_zero_occ_residues.label_comp_id 
_pdbx_unobs_or_zero_occ_residues.label_seq_id 
1  1 Y 1 A GLY -2  ? A GLY 1   
2  1 Y 1 A SER -1  ? A SER 2   
3  1 Y 1 A HIS 0   ? A HIS 3   
4  1 Y 1 A MET 1   ? A MET 4   
5  1 Y 1 A ALA 2   ? A ALA 5   
6  1 Y 1 A ASP 3   ? A ASP 6   
7  1 Y 1 A SER 4   ? A SER 7   
8  1 Y 1 A SER 5   ? A SER 8   
9  1 Y 1 A SER 6   ? A SER 9   
10 1 Y 1 A GLU 102 ? A GLU 105 
# 
loop_
_chem_comp_atom.comp_id 
_chem_comp_atom.atom_id 
_chem_comp_atom.type_symbol 
_chem_comp_atom.pdbx_aromatic_flag 
_chem_comp_atom.pdbx_stereo_config 
_chem_comp_atom.pdbx_ordinal 
ALA N    N N N 1   
ALA CA   C N S 2   
ALA C    C N N 3   
ALA O    O N N 4   
ALA CB   C N N 5   
ALA OXT  O N N 6   
ALA H    H N N 7   
ALA H2   H N N 8   
ALA HA   H N N 9   
ALA HB1  H N N 10  
ALA HB2  H N N 11  
ALA HB3  H N N 12  
ALA HXT  H N N 13  
ARG N    N N N 14  
ARG CA   C N S 15  
ARG C    C N N 16  
ARG O    O N N 17  
ARG CB   C N N 18  
ARG CG   C N N 19  
ARG CD   C N N 20  
ARG NE   N N N 21  
ARG CZ   C N N 22  
ARG NH1  N N N 23  
ARG NH2  N N N 24  
ARG OXT  O N N 25  
ARG H    H N N 26  
ARG H2   H N N 27  
ARG HA   H N N 28  
ARG HB2  H N N 29  
ARG HB3  H N N 30  
ARG HG2  H N N 31  
ARG HG3  H N N 32  
ARG HD2  H N N 33  
ARG HD3  H N N 34  
ARG HE   H N N 35  
ARG HH11 H N N 36  
ARG HH12 H N N 37  
ARG HH21 H N N 38  
ARG HH22 H N N 39  
ARG HXT  H N N 40  
ASN N    N N N 41  
ASN CA   C N S 42  
ASN C    C N N 43  
ASN O    O N N 44  
ASN CB   C N N 45  
ASN CG   C N N 46  
ASN OD1  O N N 47  
ASN ND2  N N N 48  
ASN OXT  O N N 49  
ASN H    H N N 50  
ASN H2   H N N 51  
ASN HA   H N N 52  
ASN HB2  H N N 53  
ASN HB3  H N N 54  
ASN HD21 H N N 55  
ASN HD22 H N N 56  
ASN HXT  H N N 57  
ASP N    N N N 58  
ASP CA   C N S 59  
ASP C    C N N 60  
ASP O    O N N 61  
ASP CB   C N N 62  
ASP CG   C N N 63  
ASP OD1  O N N 64  
ASP OD2  O N N 65  
ASP OXT  O N N 66  
ASP H    H N N 67  
ASP H2   H N N 68  
ASP HA   H N N 69  
ASP HB2  H N N 70  
ASP HB3  H N N 71  
ASP HD2  H N N 72  
ASP HXT  H N N 73  
CYS N    N N N 74  
CYS CA   C N R 75  
CYS C    C N N 76  
CYS O    O N N 77  
CYS CB   C N N 78  
CYS SG   S N N 79  
CYS OXT  O N N 80  
CYS H    H N N 81  
CYS H2   H N N 82  
CYS HA   H N N 83  
CYS HB2  H N N 84  
CYS HB3  H N N 85  
CYS HG   H N N 86  
CYS HXT  H N N 87  
GLN N    N N N 88  
GLN CA   C N S 89  
GLN C    C N N 90  
GLN O    O N N 91  
GLN CB   C N N 92  
GLN CG   C N N 93  
GLN CD   C N N 94  
GLN OE1  O N N 95  
GLN NE2  N N N 96  
GLN OXT  O N N 97  
GLN H    H N N 98  
GLN H2   H N N 99  
GLN HA   H N N 100 
GLN HB2  H N N 101 
GLN HB3  H N N 102 
GLN HG2  H N N 103 
GLN HG3  H N N 104 
GLN HE21 H N N 105 
GLN HE22 H N N 106 
GLN HXT  H N N 107 
GLU N    N N N 108 
GLU CA   C N S 109 
GLU C    C N N 110 
GLU O    O N N 111 
GLU CB   C N N 112 
GLU CG   C N N 113 
GLU CD   C N N 114 
GLU OE1  O N N 115 
GLU OE2  O N N 116 
GLU OXT  O N N 117 
GLU H    H N N 118 
GLU H2   H N N 119 
GLU HA   H N N 120 
GLU HB2  H N N 121 
GLU HB3  H N N 122 
GLU HG2  H N N 123 
GLU HG3  H N N 124 
GLU HE2  H N N 125 
GLU HXT  H N N 126 
GLY N    N N N 127 
GLY CA   C N N 128 
GLY C    C N N 129 
GLY O    O N N 130 
GLY OXT  O N N 131 
GLY H    H N N 132 
GLY H2   H N N 133 
GLY HA2  H N N 134 
GLY HA3  H N N 135 
GLY HXT  H N N 136 
HIS N    N N N 137 
HIS CA   C N S 138 
HIS C    C N N 139 
HIS O    O N N 140 
HIS CB   C N N 141 
HIS CG   C Y N 142 
HIS ND1  N Y N 143 
HIS CD2  C Y N 144 
HIS CE1  C Y N 145 
HIS NE2  N Y N 146 
HIS OXT  O N N 147 
HIS H    H N N 148 
HIS H2   H N N 149 
HIS HA   H N N 150 
HIS HB2  H N N 151 
HIS HB3  H N N 152 
HIS HD1  H N N 153 
HIS HD2  H N N 154 
HIS HE1  H N N 155 
HIS HE2  H N N 156 
HIS HXT  H N N 157 
HOH O    O N N 158 
HOH H1   H N N 159 
HOH H2   H N N 160 
ILE N    N N N 161 
ILE CA   C N S 162 
ILE C    C N N 163 
ILE O    O N N 164 
ILE CB   C N S 165 
ILE CG1  C N N 166 
ILE CG2  C N N 167 
ILE CD1  C N N 168 
ILE OXT  O N N 169 
ILE H    H N N 170 
ILE H2   H N N 171 
ILE HA   H N N 172 
ILE HB   H N N 173 
ILE HG12 H N N 174 
ILE HG13 H N N 175 
ILE HG21 H N N 176 
ILE HG22 H N N 177 
ILE HG23 H N N 178 
ILE HD11 H N N 179 
ILE HD12 H N N 180 
ILE HD13 H N N 181 
ILE HXT  H N N 182 
LEU N    N N N 183 
LEU CA   C N S 184 
LEU C    C N N 185 
LEU O    O N N 186 
LEU CB   C N N 187 
LEU CG   C N N 188 
LEU CD1  C N N 189 
LEU CD2  C N N 190 
LEU OXT  O N N 191 
LEU H    H N N 192 
LEU H2   H N N 193 
LEU HA   H N N 194 
LEU HB2  H N N 195 
LEU HB3  H N N 196 
LEU HG   H N N 197 
LEU HD11 H N N 198 
LEU HD12 H N N 199 
LEU HD13 H N N 200 
LEU HD21 H N N 201 
LEU HD22 H N N 202 
LEU HD23 H N N 203 
LEU HXT  H N N 204 
LYS N    N N N 205 
LYS CA   C N S 206 
LYS C    C N N 207 
LYS O    O N N 208 
LYS CB   C N N 209 
LYS CG   C N N 210 
LYS CD   C N N 211 
LYS CE   C N N 212 
LYS NZ   N N N 213 
LYS OXT  O N N 214 
LYS H    H N N 215 
LYS H2   H N N 216 
LYS HA   H N N 217 
LYS HB2  H N N 218 
LYS HB3  H N N 219 
LYS HG2  H N N 220 
LYS HG3  H N N 221 
LYS HD2  H N N 222 
LYS HD3  H N N 223 
LYS HE2  H N N 224 
LYS HE3  H N N 225 
LYS HZ1  H N N 226 
LYS HZ2  H N N 227 
LYS HZ3  H N N 228 
LYS HXT  H N N 229 
MET N    N N N 230 
MET CA   C N S 231 
MET C    C N N 232 
MET O    O N N 233 
MET CB   C N N 234 
MET CG   C N N 235 
MET SD   S N N 236 
MET CE   C N N 237 
MET OXT  O N N 238 
MET H    H N N 239 
MET H2   H N N 240 
MET HA   H N N 241 
MET HB2  H N N 242 
MET HB3  H N N 243 
MET HG2  H N N 244 
MET HG3  H N N 245 
MET HE1  H N N 246 
MET HE2  H N N 247 
MET HE3  H N N 248 
MET HXT  H N N 249 
PHE N    N N N 250 
PHE CA   C N S 251 
PHE C    C N N 252 
PHE O    O N N 253 
PHE CB   C N N 254 
PHE CG   C Y N 255 
PHE CD1  C Y N 256 
PHE CD2  C Y N 257 
PHE CE1  C Y N 258 
PHE CE2  C Y N 259 
PHE CZ   C Y N 260 
PHE OXT  O N N 261 
PHE H    H N N 262 
PHE H2   H N N 263 
PHE HA   H N N 264 
PHE HB2  H N N 265 
PHE HB3  H N N 266 
PHE HD1  H N N 267 
PHE HD2  H N N 268 
PHE HE1  H N N 269 
PHE HE2  H N N 270 
PHE HZ   H N N 271 
PHE HXT  H N N 272 
PRO N    N N N 273 
PRO CA   C N S 274 
PRO C    C N N 275 
PRO O    O N N 276 
PRO CB   C N N 277 
PRO CG   C N N 278 
PRO CD   C N N 279 
PRO OXT  O N N 280 
PRO H    H N N 281 
PRO HA   H N N 282 
PRO HB2  H N N 283 
PRO HB3  H N N 284 
PRO HG2  H N N 285 
PRO HG3  H N N 286 
PRO HD2  H N N 287 
PRO HD3  H N N 288 
PRO HXT  H N N 289 
SER N    N N N 290 
SER CA   C N S 291 
SER C    C N N 292 
SER O    O N N 293 
SER CB   C N N 294 
SER OG   O N N 295 
SER OXT  O N N 296 
SER H    H N N 297 
SER H2   H N N 298 
SER HA   H N N 299 
SER HB2  H N N 300 
SER HB3  H N N 301 
SER HG   H N N 302 
SER HXT  H N N 303 
THR N    N N N 304 
THR CA   C N S 305 
THR C    C N N 306 
THR O    O N N 307 
THR CB   C N R 308 
THR OG1  O N N 309 
THR CG2  C N N 310 
THR OXT  O N N 311 
THR H    H N N 312 
THR H2   H N N 313 
THR HA   H N N 314 
THR HB   H N N 315 
THR HG1  H N N 316 
THR HG21 H N N 317 
THR HG22 H N N 318 
THR HG23 H N N 319 
THR HXT  H N N 320 
TRP N    N N N 321 
TRP CA   C N S 322 
TRP C    C N N 323 
TRP O    O N N 324 
TRP CB   C N N 325 
TRP CG   C Y N 326 
TRP CD1  C Y N 327 
TRP CD2  C Y N 328 
TRP NE1  N Y N 329 
TRP CE2  C Y N 330 
TRP CE3  C Y N 331 
TRP CZ2  C Y N 332 
TRP CZ3  C Y N 333 
TRP CH2  C Y N 334 
TRP OXT  O N N 335 
TRP H    H N N 336 
TRP H2   H N N 337 
TRP HA   H N N 338 
TRP HB2  H N N 339 
TRP HB3  H N N 340 
TRP HD1  H N N 341 
TRP HE1  H N N 342 
TRP HE3  H N N 343 
TRP HZ2  H N N 344 
TRP HZ3  H N N 345 
TRP HH2  H N N 346 
TRP HXT  H N N 347 
TYR N    N N N 348 
TYR CA   C N S 349 
TYR C    C N N 350 
TYR O    O N N 351 
TYR CB   C N N 352 
TYR CG   C Y N 353 
TYR CD1  C Y N 354 
TYR CD2  C Y N 355 
TYR CE1  C Y N 356 
TYR CE2  C Y N 357 
TYR CZ   C Y N 358 
TYR OH   O N N 359 
TYR OXT  O N N 360 
TYR H    H N N 361 
TYR H2   H N N 362 
TYR HA   H N N 363 
TYR HB2  H N N 364 
TYR HB3  H N N 365 
TYR HD1  H N N 366 
TYR HD2  H N N 367 
TYR HE1  H N N 368 
TYR HE2  H N N 369 
TYR HH   H N N 370 
TYR HXT  H N N 371 
VAL N    N N N 372 
VAL CA   C N S 373 
VAL C    C N N 374 
VAL O    O N N 375 
VAL CB   C N N 376 
VAL CG1  C N N 377 
VAL CG2  C N N 378 
VAL OXT  O N N 379 
VAL H    H N N 380 
VAL H2   H N N 381 
VAL HA   H N N 382 
VAL HB   H N N 383 
VAL HG11 H N N 384 
VAL HG12 H N N 385 
VAL HG13 H N N 386 
VAL HG21 H N N 387 
VAL HG22 H N N 388 
VAL HG23 H N N 389 
VAL HXT  H N N 390 
# 
loop_
_chem_comp_bond.comp_id 
_chem_comp_bond.atom_id_1 
_chem_comp_bond.atom_id_2 
_chem_comp_bond.value_order 
_chem_comp_bond.pdbx_aromatic_flag 
_chem_comp_bond.pdbx_stereo_config 
_chem_comp_bond.pdbx_ordinal 
ALA N   CA   sing N N 1   
ALA N   H    sing N N 2   
ALA N   H2   sing N N 3   
ALA CA  C    sing N N 4   
ALA CA  CB   sing N N 5   
ALA CA  HA   sing N N 6   
ALA C   O    doub N N 7   
ALA C   OXT  sing N N 8   
ALA CB  HB1  sing N N 9   
ALA CB  HB2  sing N N 10  
ALA CB  HB3  sing N N 11  
ALA OXT HXT  sing N N 12  
ARG N   CA   sing N N 13  
ARG N   H    sing N N 14  
ARG N   H2   sing N N 15  
ARG CA  C    sing N N 16  
ARG CA  CB   sing N N 17  
ARG CA  HA   sing N N 18  
ARG C   O    doub N N 19  
ARG C   OXT  sing N N 20  
ARG CB  CG   sing N N 21  
ARG CB  HB2  sing N N 22  
ARG CB  HB3  sing N N 23  
ARG CG  CD   sing N N 24  
ARG CG  HG2  sing N N 25  
ARG CG  HG3  sing N N 26  
ARG CD  NE   sing N N 27  
ARG CD  HD2  sing N N 28  
ARG CD  HD3  sing N N 29  
ARG NE  CZ   sing N N 30  
ARG NE  HE   sing N N 31  
ARG CZ  NH1  sing N N 32  
ARG CZ  NH2  doub N N 33  
ARG NH1 HH11 sing N N 34  
ARG NH1 HH12 sing N N 35  
ARG NH2 HH21 sing N N 36  
ARG NH2 HH22 sing N N 37  
ARG OXT HXT  sing N N 38  
ASN N   CA   sing N N 39  
ASN N   H    sing N N 40  
ASN N   H2   sing N N 41  
ASN CA  C    sing N N 42  
ASN CA  CB   sing N N 43  
ASN CA  HA   sing N N 44  
ASN C   O    doub N N 45  
ASN C   OXT  sing N N 46  
ASN CB  CG   sing N N 47  
ASN CB  HB2  sing N N 48  
ASN CB  HB3  sing N N 49  
ASN CG  OD1  doub N N 50  
ASN CG  ND2  sing N N 51  
ASN ND2 HD21 sing N N 52  
ASN ND2 HD22 sing N N 53  
ASN OXT HXT  sing N N 54  
ASP N   CA   sing N N 55  
ASP N   H    sing N N 56  
ASP N   H2   sing N N 57  
ASP CA  C    sing N N 58  
ASP CA  CB   sing N N 59  
ASP CA  HA   sing N N 60  
ASP C   O    doub N N 61  
ASP C   OXT  sing N N 62  
ASP CB  CG   sing N N 63  
ASP CB  HB2  sing N N 64  
ASP CB  HB3  sing N N 65  
ASP CG  OD1  doub N N 66  
ASP CG  OD2  sing N N 67  
ASP OD2 HD2  sing N N 68  
ASP OXT HXT  sing N N 69  
CYS N   CA   sing N N 70  
CYS N   H    sing N N 71  
CYS N   H2   sing N N 72  
CYS CA  C    sing N N 73  
CYS CA  CB   sing N N 74  
CYS CA  HA   sing N N 75  
CYS C   O    doub N N 76  
CYS C   OXT  sing N N 77  
CYS CB  SG   sing N N 78  
CYS CB  HB2  sing N N 79  
CYS CB  HB3  sing N N 80  
CYS SG  HG   sing N N 81  
CYS OXT HXT  sing N N 82  
GLN N   CA   sing N N 83  
GLN N   H    sing N N 84  
GLN N   H2   sing N N 85  
GLN CA  C    sing N N 86  
GLN CA  CB   sing N N 87  
GLN CA  HA   sing N N 88  
GLN C   O    doub N N 89  
GLN C   OXT  sing N N 90  
GLN CB  CG   sing N N 91  
GLN CB  HB2  sing N N 92  
GLN CB  HB3  sing N N 93  
GLN CG  CD   sing N N 94  
GLN CG  HG2  sing N N 95  
GLN CG  HG3  sing N N 96  
GLN CD  OE1  doub N N 97  
GLN CD  NE2  sing N N 98  
GLN NE2 HE21 sing N N 99  
GLN NE2 HE22 sing N N 100 
GLN OXT HXT  sing N N 101 
GLU N   CA   sing N N 102 
GLU N   H    sing N N 103 
GLU N   H2   sing N N 104 
GLU CA  C    sing N N 105 
GLU CA  CB   sing N N 106 
GLU CA  HA   sing N N 107 
GLU C   O    doub N N 108 
GLU C   OXT  sing N N 109 
GLU CB  CG   sing N N 110 
GLU CB  HB2  sing N N 111 
GLU CB  HB3  sing N N 112 
GLU CG  CD   sing N N 113 
GLU CG  HG2  sing N N 114 
GLU CG  HG3  sing N N 115 
GLU CD  OE1  doub N N 116 
GLU CD  OE2  sing N N 117 
GLU OE2 HE2  sing N N 118 
GLU OXT HXT  sing N N 119 
GLY N   CA   sing N N 120 
GLY N   H    sing N N 121 
GLY N   H2   sing N N 122 
GLY CA  C    sing N N 123 
GLY CA  HA2  sing N N 124 
GLY CA  HA3  sing N N 125 
GLY C   O    doub N N 126 
GLY C   OXT  sing N N 127 
GLY OXT HXT  sing N N 128 
HIS N   CA   sing N N 129 
HIS N   H    sing N N 130 
HIS N   H2   sing N N 131 
HIS CA  C    sing N N 132 
HIS CA  CB   sing N N 133 
HIS CA  HA   sing N N 134 
HIS C   O    doub N N 135 
HIS C   OXT  sing N N 136 
HIS CB  CG   sing N N 137 
HIS CB  HB2  sing N N 138 
HIS CB  HB3  sing N N 139 
HIS CG  ND1  sing Y N 140 
HIS CG  CD2  doub Y N 141 
HIS ND1 CE1  doub Y N 142 
HIS ND1 HD1  sing N N 143 
HIS CD2 NE2  sing Y N 144 
HIS CD2 HD2  sing N N 145 
HIS CE1 NE2  sing Y N 146 
HIS CE1 HE1  sing N N 147 
HIS NE2 HE2  sing N N 148 
HIS OXT HXT  sing N N 149 
HOH O   H1   sing N N 150 
HOH O   H2   sing N N 151 
ILE N   CA   sing N N 152 
ILE N   H    sing N N 153 
ILE N   H2   sing N N 154 
ILE CA  C    sing N N 155 
ILE CA  CB   sing N N 156 
ILE CA  HA   sing N N 157 
ILE C   O    doub N N 158 
ILE C   OXT  sing N N 159 
ILE CB  CG1  sing N N 160 
ILE CB  CG2  sing N N 161 
ILE CB  HB   sing N N 162 
ILE CG1 CD1  sing N N 163 
ILE CG1 HG12 sing N N 164 
ILE CG1 HG13 sing N N 165 
ILE CG2 HG21 sing N N 166 
ILE CG2 HG22 sing N N 167 
ILE CG2 HG23 sing N N 168 
ILE CD1 HD11 sing N N 169 
ILE CD1 HD12 sing N N 170 
ILE CD1 HD13 sing N N 171 
ILE OXT HXT  sing N N 172 
LEU N   CA   sing N N 173 
LEU N   H    sing N N 174 
LEU N   H2   sing N N 175 
LEU CA  C    sing N N 176 
LEU CA  CB   sing N N 177 
LEU CA  HA   sing N N 178 
LEU C   O    doub N N 179 
LEU C   OXT  sing N N 180 
LEU CB  CG   sing N N 181 
LEU CB  HB2  sing N N 182 
LEU CB  HB3  sing N N 183 
LEU CG  CD1  sing N N 184 
LEU CG  CD2  sing N N 185 
LEU CG  HG   sing N N 186 
LEU CD1 HD11 sing N N 187 
LEU CD1 HD12 sing N N 188 
LEU CD1 HD13 sing N N 189 
LEU CD2 HD21 sing N N 190 
LEU CD2 HD22 sing N N 191 
LEU CD2 HD23 sing N N 192 
LEU OXT HXT  sing N N 193 
LYS N   CA   sing N N 194 
LYS N   H    sing N N 195 
LYS N   H2   sing N N 196 
LYS CA  C    sing N N 197 
LYS CA  CB   sing N N 198 
LYS CA  HA   sing N N 199 
LYS C   O    doub N N 200 
LYS C   OXT  sing N N 201 
LYS CB  CG   sing N N 202 
LYS CB  HB2  sing N N 203 
LYS CB  HB3  sing N N 204 
LYS CG  CD   sing N N 205 
LYS CG  HG2  sing N N 206 
LYS CG  HG3  sing N N 207 
LYS CD  CE   sing N N 208 
LYS CD  HD2  sing N N 209 
LYS CD  HD3  sing N N 210 
LYS CE  NZ   sing N N 211 
LYS CE  HE2  sing N N 212 
LYS CE  HE3  sing N N 213 
LYS NZ  HZ1  sing N N 214 
LYS NZ  HZ2  sing N N 215 
LYS NZ  HZ3  sing N N 216 
LYS OXT HXT  sing N N 217 
MET N   CA   sing N N 218 
MET N   H    sing N N 219 
MET N   H2   sing N N 220 
MET CA  C    sing N N 221 
MET CA  CB   sing N N 222 
MET CA  HA   sing N N 223 
MET C   O    doub N N 224 
MET C   OXT  sing N N 225 
MET CB  CG   sing N N 226 
MET CB  HB2  sing N N 227 
MET CB  HB3  sing N N 228 
MET CG  SD   sing N N 229 
MET CG  HG2  sing N N 230 
MET CG  HG3  sing N N 231 
MET SD  CE   sing N N 232 
MET CE  HE1  sing N N 233 
MET CE  HE2  sing N N 234 
MET CE  HE3  sing N N 235 
MET OXT HXT  sing N N 236 
PHE N   CA   sing N N 237 
PHE N   H    sing N N 238 
PHE N   H2   sing N N 239 
PHE CA  C    sing N N 240 
PHE CA  CB   sing N N 241 
PHE CA  HA   sing N N 242 
PHE C   O    doub N N 243 
PHE C   OXT  sing N N 244 
PHE CB  CG   sing N N 245 
PHE CB  HB2  sing N N 246 
PHE CB  HB3  sing N N 247 
PHE CG  CD1  doub Y N 248 
PHE CG  CD2  sing Y N 249 
PHE CD1 CE1  sing Y N 250 
PHE CD1 HD1  sing N N 251 
PHE CD2 CE2  doub Y N 252 
PHE CD2 HD2  sing N N 253 
PHE CE1 CZ   doub Y N 254 
PHE CE1 HE1  sing N N 255 
PHE CE2 CZ   sing Y N 256 
PHE CE2 HE2  sing N N 257 
PHE CZ  HZ   sing N N 258 
PHE OXT HXT  sing N N 259 
PRO N   CA   sing N N 260 
PRO N   CD   sing N N 261 
PRO N   H    sing N N 262 
PRO CA  C    sing N N 263 
PRO CA  CB   sing N N 264 
PRO CA  HA   sing N N 265 
PRO C   O    doub N N 266 
PRO C   OXT  sing N N 267 
PRO CB  CG   sing N N 268 
PRO CB  HB2  sing N N 269 
PRO CB  HB3  sing N N 270 
PRO CG  CD   sing N N 271 
PRO CG  HG2  sing N N 272 
PRO CG  HG3  sing N N 273 
PRO CD  HD2  sing N N 274 
PRO CD  HD3  sing N N 275 
PRO OXT HXT  sing N N 276 
SER N   CA   sing N N 277 
SER N   H    sing N N 278 
SER N   H2   sing N N 279 
SER CA  C    sing N N 280 
SER CA  CB   sing N N 281 
SER CA  HA   sing N N 282 
SER C   O    doub N N 283 
SER C   OXT  sing N N 284 
SER CB  OG   sing N N 285 
SER CB  HB2  sing N N 286 
SER CB  HB3  sing N N 287 
SER OG  HG   sing N N 288 
SER OXT HXT  sing N N 289 
THR N   CA   sing N N 290 
THR N   H    sing N N 291 
THR N   H2   sing N N 292 
THR CA  C    sing N N 293 
THR CA  CB   sing N N 294 
THR CA  HA   sing N N 295 
THR C   O    doub N N 296 
THR C   OXT  sing N N 297 
THR CB  OG1  sing N N 298 
THR CB  CG2  sing N N 299 
THR CB  HB   sing N N 300 
THR OG1 HG1  sing N N 301 
THR CG2 HG21 sing N N 302 
THR CG2 HG22 sing N N 303 
THR CG2 HG23 sing N N 304 
THR OXT HXT  sing N N 305 
TRP N   CA   sing N N 306 
TRP N   H    sing N N 307 
TRP N   H2   sing N N 308 
TRP CA  C    sing N N 309 
TRP CA  CB   sing N N 310 
TRP CA  HA   sing N N 311 
TRP C   O    doub N N 312 
TRP C   OXT  sing N N 313 
TRP CB  CG   sing N N 314 
TRP CB  HB2  sing N N 315 
TRP CB  HB3  sing N N 316 
TRP CG  CD1  doub Y N 317 
TRP CG  CD2  sing Y N 318 
TRP CD1 NE1  sing Y N 319 
TRP CD1 HD1  sing N N 320 
TRP CD2 CE2  doub Y N 321 
TRP CD2 CE3  sing Y N 322 
TRP NE1 CE2  sing Y N 323 
TRP NE1 HE1  sing N N 324 
TRP CE2 CZ2  sing Y N 325 
TRP CE3 CZ3  doub Y N 326 
TRP CE3 HE3  sing N N 327 
TRP CZ2 CH2  doub Y N 328 
TRP CZ2 HZ2  sing N N 329 
TRP CZ3 CH2  sing Y N 330 
TRP CZ3 HZ3  sing N N 331 
TRP CH2 HH2  sing N N 332 
TRP OXT HXT  sing N N 333 
TYR N   CA   sing N N 334 
TYR N   H    sing N N 335 
TYR N   H2   sing N N 336 
TYR CA  C    sing N N 337 
TYR CA  CB   sing N N 338 
TYR CA  HA   sing N N 339 
TYR C   O    doub N N 340 
TYR C   OXT  sing N N 341 
TYR CB  CG   sing N N 342 
TYR CB  HB2  sing N N 343 
TYR CB  HB3  sing N N 344 
TYR CG  CD1  doub Y N 345 
TYR CG  CD2  sing Y N 346 
TYR CD1 CE1  sing Y N 347 
TYR CD1 HD1  sing N N 348 
TYR CD2 CE2  doub Y N 349 
TYR CD2 HD2  sing N N 350 
TYR CE1 CZ   doub Y N 351 
TYR CE1 HE1  sing N N 352 
TYR CE2 CZ   sing Y N 353 
TYR CE2 HE2  sing N N 354 
TYR CZ  OH   sing N N 355 
TYR OH  HH   sing N N 356 
TYR OXT HXT  sing N N 357 
VAL N   CA   sing N N 358 
VAL N   H    sing N N 359 
VAL N   H2   sing N N 360 
VAL CA  C    sing N N 361 
VAL CA  CB   sing N N 362 
VAL CA  HA   sing N N 363 
VAL C   O    doub N N 364 
VAL C   OXT  sing N N 365 
VAL CB  CG1  sing N N 366 
VAL CB  CG2  sing N N 367 
VAL CB  HB   sing N N 368 
VAL CG1 HG11 sing N N 369 
VAL CG1 HG12 sing N N 370 
VAL CG1 HG13 sing N N 371 
VAL CG2 HG21 sing N N 372 
VAL CG2 HG22 sing N N 373 
VAL CG2 HG23 sing N N 374 
VAL OXT HXT  sing N N 375 
# 
_atom_sites.entry_id                    4N1L 
_atom_sites.fract_transf_matrix[1][1]   -0.01115638 
_atom_sites.fract_transf_matrix[1][2]   -0.01566642 
_atom_sites.fract_transf_matrix[1][3]   -0.00305537 
_atom_sites.fract_transf_matrix[2][1]   -0.01143083 
_atom_sites.fract_transf_matrix[2][2]   0.00634576 
_atom_sites.fract_transf_matrix[2][3]   0.00920063 
_atom_sites.fract_transf_matrix[3][1]   -0.01376506 
_atom_sites.fract_transf_matrix[3][2]   0.01517949 
_atom_sites.fract_transf_matrix[3][3]   -0.02757111 
_atom_sites.fract_transf_vector[1]      -0.095153 
_atom_sites.fract_transf_vector[2]      0.261588 
_atom_sites.fract_transf_vector[3]      -0.117860 
# 
loop_
_atom_type.symbol 
C  
N  
NA 
O  
S  
# 
loop_
_atom_site.group_PDB 
_atom_site.id 
_atom_site.type_symbol 
_atom_site.label_atom_id 
_atom_site.label_alt_id 
_atom_site.label_comp_id 
_atom_site.label_asym_id 
_atom_site.label_entity_id 
_atom_site.label_seq_id 
_atom_site.pdbx_PDB_ins_code 
_atom_site.Cartn_x 
_atom_site.Cartn_y 
_atom_site.Cartn_z 
_atom_site.occupancy 
_atom_site.B_iso_or_equiv 
_atom_site.pdbx_formal_charge 
_atom_site.auth_seq_id 
_atom_site.auth_comp_id 
_atom_site.auth_asym_id 
_atom_site.auth_atom_id 
_atom_site.pdbx_PDB_model_num 
ATOM   1   N N   . SER A 1 10  ? -14.873 -6.746  5.695   1.00 60.54  ? 7   SER A N   1 
ATOM   2   C CA  . SER A 1 10  ? -14.290 -7.525  6.780   1.00 65.60  ? 7   SER A CA  1 
ATOM   3   C C   . SER A 1 10  ? -12.776 -7.315  6.856   1.00 66.25  ? 7   SER A C   1 
ATOM   4   O O   . SER A 1 10  ? -12.299 -6.175  6.921   1.00 58.96  ? 7   SER A O   1 
ATOM   5   C CB  . SER A 1 10  ? -14.614 -9.016  6.611   1.00 57.32  ? 7   SER A CB  1 
ATOM   6   O OG  . SER A 1 10  ? -14.257 -9.490  5.322   1.00 62.13  ? 7   SER A OG  1 
ATOM   7   N N   . SER A 1 11  ? -12.035 -8.421  6.850   1.00 60.32  ? 8   SER A N   1 
ATOM   8   C CA  . SER A 1 11  ? -10.574 -8.402  6.934   1.00 50.20  ? 8   SER A CA  1 
ATOM   9   C C   . SER A 1 11  ? -9.939  -8.477  5.546   1.00 38.53  ? 8   SER A C   1 
ATOM   10  O O   . SER A 1 11  ? -8.717  -8.573  5.405   1.00 28.06  ? 8   SER A O   1 
ATOM   11  C CB  . SER A 1 11  ? -10.080 -9.563  7.809   1.00 51.01  ? 8   SER A CB  1 
ATOM   12  O OG  . SER A 1 11  ? -10.707 -10.789 7.443   1.00 53.66  ? 8   SER A OG  1 
ATOM   13  N N   . PHE A 1 12  ? -10.791 -8.430  4.527   1.00 43.49  ? 9   PHE A N   1 
ATOM   14  C CA  . PHE A 1 12  ? -10.377 -8.521  3.128   1.00 33.07  ? 9   PHE A CA  1 
ATOM   15  C C   . PHE A 1 12  ? -9.209  -7.586  2.776   1.00 25.56  ? 9   PHE A C   1 
ATOM   16  O O   . PHE A 1 12  ? -8.248  -7.971  2.111   1.00 19.96  ? 9   PHE A O   1 
ATOM   17  C CB  . PHE A 1 12  ? -11.578 -8.219  2.218   1.00 28.05  ? 9   PHE A CB  1 
ATOM   18  C CG  . PHE A 1 12  ? -11.219 -8.074  0.773   1.00 28.89  ? 9   PHE A CG  1 
ATOM   19  C CD1 . PHE A 1 12  ? -11.136 -9.189  -0.040  1.00 24.91  ? 9   PHE A CD1 1 
ATOM   20  C CD2 . PHE A 1 12  ? -10.946 -6.822  0.231   1.00 30.36  ? 9   PHE A CD2 1 
ATOM   21  C CE1 . PHE A 1 12  ? -10.794 -9.071  -1.367  1.00 23.67  ? 9   PHE A CE1 1 
ATOM   22  C CE2 . PHE A 1 12  ? -10.600 -6.688  -1.093  1.00 24.16  ? 9   PHE A CE2 1 
ATOM   23  C CZ  . PHE A 1 12  ? -10.530 -7.815  -1.902  1.00 22.53  ? 9   PHE A CZ  1 
ATOM   24  N N   . PHE A 1 13  ? -9.285  -6.353  3.234   1.00 30.54  ? 10  PHE A N   1 
ATOM   25  C CA  . PHE A 1 13  ? -8.369  -5.344  2.731   1.00 26.92  ? 10  PHE A CA  1 
ATOM   26  C C   . PHE A 1 13  ? -6.907  -5.586  3.151   1.00 26.06  ? 10  PHE A C   1 
ATOM   27  O O   . PHE A 1 13  ? -6.028  -5.577  2.292   1.00 31.10  ? 10  PHE A O   1 
ATOM   28  C CB  . PHE A 1 13  ? -8.894  -3.973  3.135   1.00 28.55  ? 10  PHE A CB  1 
ATOM   29  C CG  . PHE A 1 13  ? -10.270 -3.698  2.595   1.00 36.15  ? 10  PHE A CG  1 
ATOM   30  C CD1 . PHE A 1 13  ? -10.434 -3.170  1.322   1.00 36.31  ? 10  PHE A CD1 1 
ATOM   31  C CD2 . PHE A 1 13  ? -11.397 -4.027  3.330   1.00 35.54  ? 10  PHE A CD2 1 
ATOM   32  C CE1 . PHE A 1 13  ? -11.693 -2.938  0.804   1.00 29.63  ? 10  PHE A CE1 1 
ATOM   33  C CE2 . PHE A 1 13  ? -12.663 -3.797  2.819   1.00 42.71  ? 10  PHE A CE2 1 
ATOM   34  C CZ  . PHE A 1 13  ? -12.810 -3.249  1.550   1.00 35.73  ? 10  PHE A CZ  1 
ATOM   35  N N   . PRO A 1 14  ? -6.634  -5.868  4.440   1.00 30.75  ? 11  PRO A N   1 
ATOM   36  C CA  . PRO A 1 14  ? -5.235  -6.244  4.698   1.00 31.44  ? 11  PRO A CA  1 
ATOM   37  C C   . PRO A 1 14  ? -4.842  -7.612  4.111   1.00 33.39  ? 11  PRO A C   1 
ATOM   38  O O   . PRO A 1 14  ? -3.748  -7.750  3.542   1.00 28.11  ? 11  PRO A O   1 
ATOM   39  C CB  . PRO A 1 14  ? -5.152  -6.269  6.229   1.00 29.42  ? 11  PRO A CB  1 
ATOM   40  C CG  . PRO A 1 14  ? -6.543  -6.432  6.698   1.00 30.30  ? 11  PRO A CG  1 
ATOM   41  C CD  . PRO A 1 14  ? -7.408  -5.733  5.686   1.00 31.88  ? 11  PRO A CD  1 
ATOM   42  N N   . ASP A 1 15  ? -5.723  -8.603  4.232   1.00 30.58  ? 12  ASP A N   1 
ATOM   43  C CA  . ASP A 1 15  ? -5.400  -9.949  3.773   1.00 22.66  ? 12  ASP A CA  1 
ATOM   44  C C   . ASP A 1 15  ? -5.138  -9.993  2.273   1.00 25.53  ? 12  ASP A C   1 
ATOM   45  O O   . ASP A 1 15  ? -4.155  -10.589 1.835   1.00 22.48  ? 12  ASP A O   1 
ATOM   46  C CB  . ASP A 1 15  ? -6.525  -10.932 4.125   1.00 27.94  ? 12  ASP A CB  1 
ATOM   47  C CG  . ASP A 1 15  ? -6.634  -11.189 5.622   1.00 36.93  ? 12  ASP A CG  1 
ATOM   48  O OD1 . ASP A 1 15  ? -5.702  -10.823 6.374   1.00 31.22  ? 12  ASP A OD1 1 
ATOM   49  O OD2 . ASP A 1 15  ? -7.661  -11.760 6.045   1.00 36.95  ? 12  ASP A OD2 1 
ATOM   50  N N   . PHE A 1 16  ? -6.004  -9.344  1.491   1.00 21.67  ? 13  PHE A N   1 
ATOM   51  C CA  . PHE A 1 16  ? -5.968  -9.483  0.035   1.00 21.23  ? 13  PHE A CA  1 
ATOM   52  C C   . PHE A 1 16  ? -5.874  -8.161  -0.718  1.00 22.95  ? 13  PHE A C   1 
ATOM   53  O O   . PHE A 1 16  ? -5.308  -8.111  -1.808  1.00 20.29  ? 13  PHE A O   1 
ATOM   54  C CB  . PHE A 1 16  ? -7.215  -10.230 -0.456  1.00 21.64  ? 13  PHE A CB  1 
ATOM   55  C CG  . PHE A 1 16  ? -7.478  -11.530 0.272   1.00 19.75  ? 13  PHE A CG  1 
ATOM   56  C CD1 . PHE A 1 16  ? -6.585  -12.582 0.182   1.00 23.30  ? 13  PHE A CD1 1 
ATOM   57  C CD2 . PHE A 1 16  ? -8.634  -11.702 1.008   1.00 20.49  ? 13  PHE A CD2 1 
ATOM   58  C CE1 . PHE A 1 16  ? -6.831  -13.784 0.845   1.00 22.01  ? 13  PHE A CE1 1 
ATOM   59  C CE2 . PHE A 1 16  ? -8.894  -12.890 1.656   1.00 18.83  ? 13  PHE A CE2 1 
ATOM   60  C CZ  . PHE A 1 16  ? -7.981  -13.927 1.588   1.00 24.13  ? 13  PHE A CZ  1 
ATOM   61  N N   . GLY A 1 17  ? -6.445  -7.106  -0.145  1.00 25.56  ? 14  GLY A N   1 
ATOM   62  C CA  . GLY A 1 17  ? -6.597  -5.832  -0.836  1.00 26.06  ? 14  GLY A CA  1 
ATOM   63  C C   . GLY A 1 17  ? -5.301  -5.179  -1.269  1.00 19.87  ? 14  GLY A C   1 
ATOM   64  O O   . GLY A 1 17  ? -5.137  -4.831  -2.443  1.00 25.83  ? 14  GLY A O   1 
ATOM   65  N N   . LEU A 1 18  ? -4.392  -4.992  -0.324  1.00 20.03  ? 15  LEU A N   1 
ATOM   66  C CA  . LEU A 1 18  ? -3.111  -4.355  -0.593  1.00 21.88  ? 15  LEU A CA  1 
ATOM   67  C C   . LEU A 1 18  ? -2.396  -4.943  -1.813  1.00 22.87  ? 15  LEU A C   1 
ATOM   68  O O   . LEU A 1 18  ? -1.982  -4.205  -2.697  1.00 15.22  ? 15  LEU A O   1 
ATOM   69  C CB  . LEU A 1 18  ? -2.216  -4.468  0.629   1.00 24.74  ? 15  LEU A CB  1 
ATOM   70  C CG  . LEU A 1 18  ? -0.789  -3.952  0.501   1.00 23.60  ? 15  LEU A CG  1 
ATOM   71  C CD1 . LEU A 1 18  ? -0.799  -2.567  -0.033  1.00 20.36  ? 15  LEU A CD1 1 
ATOM   72  C CD2 . LEU A 1 18  ? -0.077  -3.993  1.858   1.00 31.24  ? 15  LEU A CD2 1 
ATOM   73  N N   . LEU A 1 19  ? -2.243  -6.266  -1.849  1.00 17.08  ? 16  LEU A N   1 
ATOM   74  C CA  . LEU A 1 19  ? -1.586  -6.923  -2.976  1.00 15.38  ? 16  LEU A CA  1 
ATOM   75  C C   . LEU A 1 19  ? -2.356  -6.693  -4.278  1.00 13.69  ? 16  LEU A C   1 
ATOM   76  O O   . LEU A 1 19  ? -1.764  -6.382  -5.309  1.00 15.15  ? 16  LEU A O   1 
ATOM   77  C CB  . LEU A 1 19  ? -1.430  -8.436  -2.712  1.00 21.85  ? 16  LEU A CB  1 
ATOM   78  C CG  . LEU A 1 19  ? -0.716  -9.191  -3.842  1.00 22.54  ? 16  LEU A CG  1 
ATOM   79  C CD1 . LEU A 1 19  ? 0.579   -8.464  -4.204  1.00 19.60  ? 16  LEU A CD1 1 
ATOM   80  C CD2 . LEU A 1 19  ? -0.433  -10.646 -3.479  1.00 25.88  ? 16  LEU A CD2 1 
ATOM   81  N N   . LEU A 1 20  ? -3.675  -6.848  -4.234  1.00 14.43  ? 17  LEU A N   1 
ATOM   82  C CA  . LEU A 1 20  ? -4.493  -6.664  -5.428  1.00 18.21  ? 17  LEU A CA  1 
ATOM   83  C C   . LEU A 1 20  ? -4.267  -5.274  -6.041  1.00 19.23  ? 17  LEU A C   1 
ATOM   84  O O   . LEU A 1 20  ? -4.199  -5.111  -7.264  1.00 16.17  ? 17  LEU A O   1 
ATOM   85  C CB  . LEU A 1 20  ? -5.974  -6.871  -5.090  1.00 18.09  ? 17  LEU A CB  1 
ATOM   86  C CG  . LEU A 1 20  ? -6.378  -8.332  -4.834  1.00 23.94  ? 17  LEU A CG  1 
ATOM   87  C CD1 . LEU A 1 20  ? -7.755  -8.425  -4.193  1.00 22.33  ? 17  LEU A CD1 1 
ATOM   88  C CD2 . LEU A 1 20  ? -6.355  -9.130  -6.128  1.00 25.57  ? 17  LEU A CD2 1 
ATOM   89  N N   . TYR A 1 21  ? -4.135  -4.275  -5.182  1.00 15.87  ? 18  TYR A N   1 
ATOM   90  C CA  . TYR A 1 21  ? -3.963  -2.895  -5.648  1.00 17.27  ? 18  TYR A CA  1 
ATOM   91  C C   . TYR A 1 21  ? -2.541  -2.646  -6.161  1.00 15.42  ? 18  TYR A C   1 
ATOM   92  O O   . TYR A 1 21  ? -2.337  -1.900  -7.112  1.00 22.72  ? 18  TYR A O   1 
ATOM   93  C CB  . TYR A 1 21  ? -4.309  -1.914  -4.519  1.00 15.67  ? 18  TYR A CB  1 
ATOM   94  C CG  . TYR A 1 21  ? -5.792  -1.611  -4.419  1.00 16.87  ? 18  TYR A CG  1 
ATOM   95  C CD1 . TYR A 1 21  ? -6.273  -0.314  -4.606  1.00 23.18  ? 18  TYR A CD1 1 
ATOM   96  C CD2 . TYR A 1 21  ? -6.714  -2.623  -4.154  1.00 17.15  ? 18  TYR A CD2 1 
ATOM   97  C CE1 . TYR A 1 21  ? -7.627  -0.036  -4.516  1.00 21.51  ? 18  TYR A CE1 1 
ATOM   98  C CE2 . TYR A 1 21  ? -8.060  -2.355  -4.050  1.00 20.01  ? 18  TYR A CE2 1 
ATOM   99  C CZ  . TYR A 1 21  ? -8.515  -1.066  -4.240  1.00 22.12  ? 18  TYR A CZ  1 
ATOM   100 O OH  . TYR A 1 21  ? -9.860  -0.804  -4.157  1.00 19.50  ? 18  TYR A OH  1 
ATOM   101 N N   . LEU A 1 22  ? -1.558  -3.267  -5.528  1.00 13.54  ? 19  LEU A N   1 
ATOM   102 C CA  . LEU A 1 22  ? -0.173  -3.162  -5.990  1.00 17.88  ? 19  LEU A CA  1 
ATOM   103 C C   . LEU A 1 22  ? -0.045  -3.730  -7.396  1.00 19.89  ? 19  LEU A C   1 
ATOM   104 O O   . LEU A 1 22  ? 0.766   -3.263  -8.201  1.00 18.43  ? 19  LEU A O   1 
ATOM   105 C CB  . LEU A 1 22  ? 0.767   -3.882  -5.031  1.00 15.16  ? 19  LEU A CB  1 
ATOM   106 C CG  . LEU A 1 22  ? 0.999   -3.196  -3.676  1.00 13.25  ? 19  LEU A CG  1 
ATOM   107 C CD1 . LEU A 1 22  ? 1.950   -3.994  -2.855  1.00 18.43  ? 19  LEU A CD1 1 
ATOM   108 C CD2 . LEU A 1 22  ? 1.504   -1.768  -3.856  1.00 15.57  ? 19  LEU A CD2 1 
ATOM   109 N N   . GLU A 1 23  ? -0.870  -4.730  -7.694  1.00 19.09  ? 20  GLU A N   1 
ATOM   110 C CA  . GLU A 1 23  ? -0.897  -5.336  -9.023  1.00 17.88  ? 20  GLU A CA  1 
ATOM   111 C C   . GLU A 1 23  ? -1.520  -4.434  -10.089 1.00 22.53  ? 20  GLU A C   1 
ATOM   112 O O   . GLU A 1 23  ? -1.452  -4.756  -11.269 1.00 23.92  ? 20  GLU A O   1 
ATOM   113 C CB  . GLU A 1 23  ? -1.649  -6.678  -8.974  1.00 20.63  ? 20  GLU A CB  1 
ATOM   114 C CG  . GLU A 1 23  ? -0.847  -7.763  -8.288  1.00 20.79  ? 20  GLU A CG  1 
ATOM   115 C CD  . GLU A 1 23  ? -1.648  -9.027  -8.027  1.00 28.81  ? 20  GLU A CD  1 
ATOM   116 O OE1 . GLU A 1 23  ? -2.846  -9.082  -8.401  1.00 31.96  ? 20  GLU A OE1 1 
ATOM   117 O OE2 . GLU A 1 23  ? -1.062  -9.965  -7.448  1.00 29.15  ? 20  GLU A OE2 1 
ATOM   118 N N   . GLU A 1 24  ? -2.121  -3.314  -9.689  1.00 18.03  ? 21  GLU A N   1 
ATOM   119 C CA  . GLU A 1 24  ? -2.663  -2.359  -10.654 1.00 22.48  ? 21  GLU A CA  1 
ATOM   120 C C   . GLU A 1 24  ? -1.652  -1.260  -10.967 1.00 24.32  ? 21  GLU A C   1 
ATOM   121 O O   . GLU A 1 24  ? -1.908  -0.356  -11.768 1.00 18.40  ? 21  GLU A O   1 
ATOM   122 C CB  . GLU A 1 24  ? -3.976  -1.753  -10.144 1.00 22.89  ? 21  GLU A CB  1 
ATOM   123 C CG  . GLU A 1 24  ? -5.111  -2.791  -9.938  1.00 21.16  ? 21  GLU A CG  1 
ATOM   124 C CD  . GLU A 1 24  ? -5.592  -3.440  -11.220 1.00 26.97  ? 21  GLU A CD  1 
ATOM   125 O OE1 . GLU A 1 24  ? -6.088  -4.599  -11.148 1.00 25.64  ? 21  GLU A OE1 1 
ATOM   126 O OE2 . GLU A 1 24  ? -5.504  -2.802  -12.293 1.00 22.37  ? 21  GLU A OE2 1 
ATOM   127 N N   . LEU A 1 25  ? -0.491  -1.363  -10.334 1.00 17.94  ? 22  LEU A N   1 
ATOM   128 C CA  . LEU A 1 25  ? 0.632   -0.475  -10.602 1.00 20.01  ? 22  LEU A CA  1 
ATOM   129 C C   . LEU A 1 25  ? 1.526   -1.113  -11.651 1.00 21.37  ? 22  LEU A C   1 
ATOM   130 O O   . LEU A 1 25  ? 1.871   -2.287  -11.526 1.00 18.08  ? 22  LEU A O   1 
ATOM   131 C CB  . LEU A 1 25  ? 1.436   -0.227  -9.315  1.00 17.82  ? 22  LEU A CB  1 
ATOM   132 C CG  . LEU A 1 25  ? 0.761   0.447   -8.121  1.00 17.72  ? 22  LEU A CG  1 
ATOM   133 C CD1 . LEU A 1 25  ? 1.798   0.620   -6.985  1.00 18.07  ? 22  LEU A CD1 1 
ATOM   134 C CD2 . LEU A 1 25  ? 0.194   1.802   -8.525  1.00 18.59  ? 22  LEU A CD2 1 
ATOM   135 N N   . ASN A 1 26  ? 1.927   -0.355  -12.667 1.00 18.25  ? 23  ASN A N   1 
ATOM   136 C CA  . ASN A 1 26  ? 2.908   -0.862  -13.627 1.00 22.54  ? 23  ASN A CA  1 
ATOM   137 C C   . ASN A 1 26  ? 4.306   -0.669  -13.048 1.00 22.88  ? 23  ASN A C   1 
ATOM   138 O O   . ASN A 1 26  ? 4.433   -0.143  -11.954 1.00 19.76  ? 23  ASN A O   1 
ATOM   139 C CB  . ASN A 1 26  ? 2.770   -0.175  -14.993 1.00 23.64  ? 23  ASN A CB  1 
ATOM   140 C CG  . ASN A 1 26  ? 3.031   1.311   -14.939 1.00 21.51  ? 23  ASN A CG  1 
ATOM   141 O OD1 . ASN A 1 26  ? 3.817   1.796   -14.129 1.00 26.86  ? 23  ASN A OD1 1 
ATOM   142 N ND2 . ASN A 1 26  ? 2.368   2.055   -15.819 1.00 23.36  ? 23  ASN A ND2 1 
ATOM   143 N N   . LYS A 1 27  ? 5.341   -1.074  -13.779 1.00 23.34  ? 24  LYS A N   1 
ATOM   144 C CA  . LYS A 1 27  ? 6.686   -1.127  -13.212 1.00 28.24  ? 24  LYS A CA  1 
ATOM   145 C C   . LYS A 1 27  ? 7.157   0.240   -12.732 1.00 26.66  ? 24  LYS A C   1 
ATOM   146 O O   . LYS A 1 27  ? 7.737   0.349   -11.651 1.00 26.06  ? 24  LYS A O   1 
ATOM   147 C CB  . LYS A 1 27  ? 7.683   -1.708  -14.222 1.00 37.01  ? 24  LYS A CB  1 
ATOM   148 C CG  . LYS A 1 27  ? 7.955   -3.201  -14.024 1.00 43.72  ? 24  LYS A CG  1 
ATOM   149 C CD  . LYS A 1 27  ? 6.673   -4.017  -14.166 1.00 49.35  ? 24  LYS A CD  1 
ATOM   150 C CE  . LYS A 1 27  ? 6.860   -5.488  -13.840 1.00 42.44  ? 24  LYS A CE  1 
ATOM   151 N NZ  . LYS A 1 27  ? 5.618   -6.250  -14.151 1.00 52.92  ? 24  LYS A NZ  1 
ATOM   152 N N   . GLU A 1 28  ? 6.883   1.281   -13.518 1.00 23.08  ? 25  GLU A N   1 
ATOM   153 C CA  . GLU A 1 28  ? 7.281   2.642   -13.159 1.00 24.00  ? 25  GLU A CA  1 
ATOM   154 C C   . GLU A 1 28  ? 6.505   3.157   -11.945 1.00 23.53  ? 25  GLU A C   1 
ATOM   155 O O   . GLU A 1 28  ? 7.066   3.814   -11.068 1.00 19.70  ? 25  GLU A O   1 
ATOM   156 C CB  . GLU A 1 28  ? 7.079   3.603   -14.339 1.00 28.08  ? 25  GLU A CB  1 
ATOM   157 C CG  . GLU A 1 28  ? 7.753   4.953   -14.107 1.00 47.15  ? 25  GLU A CG  1 
ATOM   158 C CD  . GLU A 1 28  ? 7.265   6.043   -15.042 1.00 67.46  ? 25  GLU A CD  1 
ATOM   159 O OE1 . GLU A 1 28  ? 6.561   5.722   -16.026 1.00 73.80  ? 25  GLU A OE1 1 
ATOM   160 O OE2 . GLU A 1 28  ? 7.585   7.225   -14.784 1.00 70.85  ? 25  GLU A OE2 1 
ATOM   161 N N   . GLU A 1 29  ? 5.206   2.859   -11.904 1.00 20.02  ? 26  GLU A N   1 
ATOM   162 C CA  . GLU A 1 29  ? 4.358   3.277   -10.790 1.00 19.20  ? 26  GLU A CA  1 
ATOM   163 C C   . GLU A 1 29  ? 4.761   2.592   -9.483  1.00 18.34  ? 26  GLU A C   1 
ATOM   164 O O   . GLU A 1 29  ? 4.650   3.184   -8.406  1.00 17.19  ? 26  GLU A O   1 
ATOM   165 C CB  . GLU A 1 29  ? 2.882   2.990   -11.107 1.00 18.89  ? 26  GLU A CB  1 
ATOM   166 C CG  . GLU A 1 29  ? 2.327   3.919   -12.176 1.00 21.23  ? 26  GLU A CG  1 
ATOM   167 C CD  . GLU A 1 29  ? 0.972   3.487   -12.702 1.00 24.62  ? 26  GLU A CD  1 
ATOM   168 O OE1 . GLU A 1 29  ? 0.702   2.264   -12.762 1.00 18.17  ? 26  GLU A OE1 1 
ATOM   169 O OE2 . GLU A 1 29  ? 0.178   4.380   -13.070 1.00 22.63  ? 26  GLU A OE2 1 
ATOM   170 N N   . LEU A 1 30  ? 5.218   1.345   -9.573  1.00 16.46  ? 27  LEU A N   1 
ATOM   171 C CA  . LEU A 1 30  ? 5.654   0.628   -8.385  1.00 18.31  ? 27  LEU A CA  1 
ATOM   172 C C   . LEU A 1 30  ? 6.896   1.307   -7.812  1.00 17.55  ? 27  LEU A C   1 
ATOM   173 O O   . LEU A 1 30  ? 7.041   1.401   -6.604  1.00 18.04  ? 27  LEU A O   1 
ATOM   174 C CB  . LEU A 1 30  ? 5.939   -0.854  -8.685  1.00 16.98  ? 27  LEU A CB  1 
ATOM   175 C CG  . LEU A 1 30  ? 6.386   -1.706  -7.485  1.00 22.24  ? 27  LEU A CG  1 
ATOM   176 C CD1 . LEU A 1 30  ? 5.290   -1.816  -6.421  1.00 21.92  ? 27  LEU A CD1 1 
ATOM   177 C CD2 . LEU A 1 30  ? 6.843   -3.104  -7.918  1.00 18.26  ? 27  LEU A CD2 1 
ATOM   178 N N   . ASN A 1 31  ? 7.785   1.779   -8.678  1.00 17.26  ? 28  ASN A N   1 
ATOM   179 C CA  . ASN A 1 31  ? 8.979   2.492   -8.215  1.00 20.33  ? 28  ASN A CA  1 
ATOM   180 C C   . ASN A 1 31  ? 8.634   3.828   -7.549  1.00 14.80  ? 28  ASN A C   1 
ATOM   181 O O   . ASN A 1 31  ? 9.237   4.209   -6.544  1.00 17.29  ? 28  ASN A O   1 
ATOM   182 C CB  . ASN A 1 31  ? 9.952   2.714   -9.370  1.00 24.60  ? 28  ASN A CB  1 
ATOM   183 C CG  . ASN A 1 31  ? 10.628  1.431   -9.813  1.00 29.30  ? 28  ASN A CG  1 
ATOM   184 O OD1 . ASN A 1 31  ? 10.730  0.480   -9.042  1.00 25.35  ? 28  ASN A OD1 1 
ATOM   185 N ND2 . ASN A 1 31  ? 11.094  1.399   -11.063 1.00 26.60  ? 28  ASN A ND2 1 
ATOM   186 N N   . THR A 1 32  ? 7.660   4.524   -8.113  1.00 20.67  ? 29  THR A N   1 
ATOM   187 C CA  . THR A 1 32  ? 7.104   5.735   -7.514  1.00 17.38  ? 29  THR A CA  1 
ATOM   188 C C   . THR A 1 32  ? 6.502   5.419   -6.138  1.00 16.06  ? 29  THR A C   1 
ATOM   189 O O   . THR A 1 32  ? 6.714   6.146   -5.169  1.00 17.44  ? 29  THR A O   1 
ATOM   190 C CB  . THR A 1 32  ? 6.025   6.350   -8.423  1.00 17.73  ? 29  THR A CB  1 
ATOM   191 O OG1 . THR A 1 32  ? 6.614   6.785   -9.659  1.00 15.99  ? 29  THR A OG1 1 
ATOM   192 C CG2 . THR A 1 32  ? 5.347   7.530   -7.733  1.00 17.82  ? 29  THR A CG2 1 
ATOM   193 N N   . PHE A 1 33  ? 5.747   4.325   -6.068  1.00 17.46  ? 30  PHE A N   1 
ATOM   194 C CA  . PHE A 1 33  ? 5.165   3.858   -4.808  1.00 16.22  ? 30  PHE A CA  1 
ATOM   195 C C   . PHE A 1 33  ? 6.230   3.603   -3.734  1.00 14.65  ? 30  PHE A C   1 
ATOM   196 O O   . PHE A 1 33  ? 6.073   4.023   -2.590  1.00 12.11  ? 30  PHE A O   1 
ATOM   197 C CB  . PHE A 1 33  ? 4.353   2.566   -5.016  1.00 12.89  ? 30  PHE A CB  1 
ATOM   198 C CG  . PHE A 1 33  ? 3.613   2.122   -3.774  1.00 16.21  ? 30  PHE A CG  1 
ATOM   199 C CD1 . PHE A 1 33  ? 4.210   1.266   -2.841  1.00 14.20  ? 30  PHE A CD1 1 
ATOM   200 C CD2 . PHE A 1 33  ? 2.329   2.577   -3.530  1.00 17.52  ? 30  PHE A CD2 1 
ATOM   201 C CE1 . PHE A 1 33  ? 3.531   0.879   -1.697  1.00 15.46  ? 30  PHE A CE1 1 
ATOM   202 C CE2 . PHE A 1 33  ? 1.637   2.188   -2.386  1.00 18.97  ? 30  PHE A CE2 1 
ATOM   203 C CZ  . PHE A 1 33  ? 2.240   1.338   -1.467  1.00 18.13  ? 30  PHE A CZ  1 
ATOM   204 N N   . LYS A 1 34  ? 7.297   2.896   -4.100  1.00 12.96  ? 31  LYS A N   1 
ATOM   205 C CA  . LYS A 1 34  ? 8.384   2.627   -3.159  1.00 14.18  ? 31  LYS A CA  1 
ATOM   206 C C   . LYS A 1 34  ? 8.984   3.918   -2.607  1.00 15.68  ? 31  LYS A C   1 
ATOM   207 O O   . LYS A 1 34  ? 9.313   3.997   -1.425  1.00 17.31  ? 31  LYS A O   1 
ATOM   208 C CB  . LYS A 1 34  ? 9.485   1.783   -3.814  1.00 13.84  ? 31  LYS A CB  1 
ATOM   209 C CG  . LYS A 1 34  ? 9.050   0.362   -4.150  1.00 17.72  ? 31  LYS A CG  1 
ATOM   210 C CD  . LYS A 1 34  ? 10.202  -0.487  -4.665  1.00 17.79  ? 31  LYS A CD  1 
ATOM   211 C CE  . LYS A 1 34  ? 9.752   -1.935  -4.858  1.00 20.40  ? 31  LYS A CE  1 
ATOM   212 N NZ  . LYS A 1 34  ? 10.820  -2.718  -5.538  1.00 20.45  ? 31  LYS A NZ  1 
ATOM   213 N N   . LEU A 1 35  ? 9.111   4.929   -3.456  1.00 15.55  ? 32  LEU A N   1 
ATOM   214 C CA  . LEU A 1 35  ? 9.694   6.204   -3.024  1.00 15.05  ? 32  LEU A CA  1 
ATOM   215 C C   . LEU A 1 35  ? 8.774   6.933   -2.042  1.00 15.40  ? 32  LEU A C   1 
ATOM   216 O O   . LEU A 1 35  ? 9.235   7.377   -0.986  1.00 15.21  ? 32  LEU A O   1 
ATOM   217 C CB  . LEU A 1 35  ? 10.019  7.077   -4.233  1.00 13.48  ? 32  LEU A CB  1 
ATOM   218 C CG  . LEU A 1 35  ? 11.213  6.570   -5.062  1.00 16.01  ? 32  LEU A CG  1 
ATOM   219 C CD1 . LEU A 1 35  ? 11.389  7.349   -6.345  1.00 20.65  ? 32  LEU A CD1 1 
ATOM   220 C CD2 . LEU A 1 35  ? 12.494  6.628   -4.244  1.00 19.74  ? 32  LEU A CD2 1 
ATOM   221 N N   . PHE A 1 36  ? 7.480   7.023   -2.356  1.00 14.86  ? 33  PHE A N   1 
ATOM   222 C CA  . PHE A 1 36  ? 6.488   7.527   -1.394  1.00 15.52  ? 33  PHE A CA  1 
ATOM   223 C C   . PHE A 1 36  ? 6.512   6.745   -0.069  1.00 16.78  ? 33  PHE A C   1 
ATOM   224 O O   . PHE A 1 36  ? 6.326   7.324   1.010   1.00 13.60  ? 33  PHE A O   1 
ATOM   225 C CB  . PHE A 1 36  ? 5.067   7.472   -1.987  1.00 12.24  ? 33  PHE A CB  1 
ATOM   226 C CG  . PHE A 1 36  ? 4.670   8.702   -2.777  1.00 16.17  ? 33  PHE A CG  1 
ATOM   227 C CD1 . PHE A 1 36  ? 4.175   9.819   -2.136  1.00 17.43  ? 33  PHE A CD1 1 
ATOM   228 C CD2 . PHE A 1 36  ? 4.758   8.718   -4.164  1.00 17.79  ? 33  PHE A CD2 1 
ATOM   229 C CE1 . PHE A 1 36  ? 3.801   10.951  -2.858  1.00 17.23  ? 33  PHE A CE1 1 
ATOM   230 C CE2 . PHE A 1 36  ? 4.381   9.841   -4.898  1.00 20.34  ? 33  PHE A CE2 1 
ATOM   231 C CZ  . PHE A 1 36  ? 3.903   10.960  -4.241  1.00 17.16  ? 33  PHE A CZ  1 
ATOM   232 N N   . LEU A 1 37  ? 6.724   5.430   -0.152  1.00 16.47  ? 34  LEU A N   1 
ATOM   233 C CA  . LEU A 1 37  ? 6.772   4.588   1.049   1.00 14.64  ? 34  LEU A CA  1 
ATOM   234 C C   . LEU A 1 37  ? 8.020   4.907   1.877   1.00 17.21  ? 34  LEU A C   1 
ATOM   235 O O   . LEU A 1 37  ? 7.941   5.053   3.096   1.00 17.21  ? 34  LEU A O   1 
ATOM   236 C CB  . LEU A 1 37  ? 6.737   3.103   0.682   1.00 11.33  ? 34  LEU A CB  1 
ATOM   237 C CG  . LEU A 1 37  ? 6.729   2.131   1.867   1.00 15.97  ? 34  LEU A CG  1 
ATOM   238 C CD1 . LEU A 1 37  ? 5.529   2.435   2.758   1.00 16.72  ? 34  LEU A CD1 1 
ATOM   239 C CD2 . LEU A 1 37  ? 6.721   0.676   1.409   1.00 18.40  ? 34  LEU A CD2 1 
ATOM   240 N N   . LYS A 1 38  ? 9.171   5.010   1.221   1.00 15.63  ? 35  LYS A N   1 
ATOM   241 C CA  . LYS A 1 38  ? 10.398  5.437   1.908   1.00 18.02  ? 35  LYS A CA  1 
ATOM   242 C C   . LYS A 1 38  ? 10.173  6.769   2.628   1.00 19.04  ? 35  LYS A C   1 
ATOM   243 O O   . LYS A 1 38  ? 10.561  6.959   3.793   1.00 19.41  ? 35  LYS A O   1 
ATOM   244 C CB  . LYS A 1 38  ? 11.559  5.575   0.918   1.00 14.60  ? 35  LYS A CB  1 
ATOM   245 C CG  . LYS A 1 38  ? 12.902  5.926   1.592   1.00 18.86  ? 35  LYS A CG  1 
ATOM   246 C CD  . LYS A 1 38  ? 14.022  6.150   0.583   1.00 19.75  ? 35  LYS A CD  1 
ATOM   247 C CE  . LYS A 1 38  ? 15.331  6.567   1.278   1.00 22.05  ? 35  LYS A CE  1 
ATOM   248 N NZ  . LYS A 1 38  ? 15.888  5.496   2.184   1.00 20.90  ? 35  LYS A NZ  1 
ATOM   249 N N   . GLU A 1 39  ? 9.509   7.675   1.934   1.00 14.63  ? 36  GLU A N   1 
ATOM   250 C CA  . GLU A 1 39  ? 9.298   9.027   2.436   1.00 22.72  ? 36  GLU A CA  1 
ATOM   251 C C   . GLU A 1 39  ? 8.386   9.055   3.649   1.00 22.55  ? 36  GLU A C   1 
ATOM   252 O O   . GLU A 1 39  ? 8.564   9.894   4.545   1.00 22.65  ? 36  GLU A O   1 
ATOM   253 C CB  . GLU A 1 39  ? 8.731   9.908   1.326   1.00 16.88  ? 36  GLU A CB  1 
ATOM   254 C CG  . GLU A 1 39  ? 9.780   10.420  0.384   1.00 21.43  ? 36  GLU A CG  1 
ATOM   255 C CD  . GLU A 1 39  ? 10.746  11.363  1.080   1.00 28.55  ? 36  GLU A CD  1 
ATOM   256 O OE1 . GLU A 1 39  ? 11.961  11.222  0.870   1.00 22.69  ? 36  GLU A OE1 1 
ATOM   257 O OE2 . GLU A 1 39  ? 10.285  12.236  1.848   1.00 22.20  ? 36  GLU A OE2 1 
ATOM   258 N N   . THR A 1 40  ? 7.425   8.133   3.693   1.00 18.68  ? 37  THR A N   1 
ATOM   259 C CA  . THR A 1 40  ? 6.491   8.074   4.813   1.00 20.33  ? 37  THR A CA  1 
ATOM   260 C C   . THR A 1 40  ? 7.068   7.245   5.974   1.00 21.87  ? 37  THR A C   1 
ATOM   261 O O   . THR A 1 40  ? 6.790   7.530   7.137   1.00 30.62  ? 37  THR A O   1 
ATOM   262 C CB  . THR A 1 40  ? 5.094   7.503   4.381   1.00 28.26  ? 37  THR A CB  1 
ATOM   263 O OG1 . THR A 1 40  ? 4.175   7.575   5.480   1.00 35.09  ? 37  THR A OG1 1 
ATOM   264 C CG2 . THR A 1 40  ? 5.189   6.066   3.954   1.00 26.09  ? 37  THR A CG2 1 
ATOM   265 N N   . MET A 1 41  ? 7.886   6.240   5.676   1.00 20.74  ? 38  MET A N   1 
ATOM   266 C CA  . MET A 1 41  ? 8.431   5.402   6.738   1.00 22.91  ? 38  MET A CA  1 
ATOM   267 C C   . MET A 1 41  ? 9.590   6.084   7.470   1.00 25.45  ? 38  MET A C   1 
ATOM   268 O O   . MET A 1 41  ? 9.820   5.806   8.641   1.00 25.70  ? 38  MET A O   1 
ATOM   269 C CB  . MET A 1 41  ? 8.899   4.049   6.197   1.00 18.80  ? 38  MET A CB  1 
ATOM   270 C CG  . MET A 1 41  ? 7.790   3.173   5.626   1.00 16.27  ? 38  MET A CG  1 
ATOM   271 S SD  . MET A 1 41  ? 8.408   1.536   5.191   1.00 25.50  ? 38  MET A SD  1 
ATOM   272 C CE  . MET A 1 41  ? 8.671   0.871   6.837   1.00 32.10  ? 38  MET A CE  1 
ATOM   273 N N   . GLU A 1 42  ? 10.320  6.963   6.785   1.00 24.20  ? 39  GLU A N   1 
ATOM   274 C CA  . GLU A 1 42  ? 11.446  7.678   7.399   1.00 26.72  ? 39  GLU A CA  1 
ATOM   275 C C   . GLU A 1 42  ? 11.028  9.080   7.860   1.00 26.84  ? 39  GLU A C   1 
ATOM   276 O O   . GLU A 1 42  ? 10.167  9.706   7.246   1.00 27.33  ? 39  GLU A O   1 
ATOM   277 C CB  . GLU A 1 42  ? 12.622  7.770   6.410   1.00 27.09  ? 39  GLU A CB  1 
ATOM   278 C CG  . GLU A 1 42  ? 13.123  6.420   5.917   1.00 24.91  ? 39  GLU A CG  1 
ATOM   279 C CD  . GLU A 1 42  ? 14.331  6.519   4.988   1.00 25.59  ? 39  GLU A CD  1 
ATOM   280 O OE1 . GLU A 1 42  ? 14.827  7.641   4.754   1.00 31.12  ? 39  GLU A OE1 1 
ATOM   281 O OE2 . GLU A 1 42  ? 14.782  5.473   4.477   1.00 22.86  ? 39  GLU A OE2 1 
ATOM   282 N N   . PRO A 1 43  ? 11.665  9.604   8.923   1.00 33.54  ? 40  PRO A N   1 
ATOM   283 C CA  . PRO A 1 43  ? 12.779  9.005   9.661   1.00 33.47  ? 40  PRO A CA  1 
ATOM   284 C C   . PRO A 1 43  ? 12.341  8.143   10.832  1.00 38.68  ? 40  PRO A C   1 
ATOM   285 O O   . PRO A 1 43  ? 13.213  7.597   11.502  1.00 40.69  ? 40  PRO A O   1 
ATOM   286 C CB  . PRO A 1 43  ? 13.561  10.229  10.156  1.00 36.75  ? 40  PRO A CB  1 
ATOM   287 C CG  . PRO A 1 43  ? 12.484  11.253  10.406  1.00 41.04  ? 40  PRO A CG  1 
ATOM   288 C CD  . PRO A 1 43  ? 11.366  10.968  9.398   1.00 31.35  ? 40  PRO A CD  1 
ATOM   289 N N   . GLU A 1 44  ? 11.038  8.037   11.081  1.00 32.01  ? 41  GLU A N   1 
ATOM   290 C CA  . GLU A 1 44  ? 10.557  7.277   12.235  1.00 36.87  ? 41  GLU A CA  1 
ATOM   291 C C   . GLU A 1 44  ? 11.048  5.833   12.204  1.00 42.26  ? 41  GLU A C   1 
ATOM   292 O O   . GLU A 1 44  ? 11.678  5.372   13.150  1.00 37.24  ? 41  GLU A O   1 
ATOM   293 C CB  . GLU A 1 44  ? 9.023   7.313   12.325  1.00 42.02  ? 41  GLU A CB  1 
ATOM   294 C CG  . GLU A 1 44  ? 8.314   7.144   10.993  1.00 57.55  ? 41  GLU A CG  1 
ATOM   295 C CD  . GLU A 1 44  ? 6.915   6.563   11.145  1.00 73.76  ? 41  GLU A CD  1 
ATOM   296 O OE1 . GLU A 1 44  ? 6.448   6.426   12.301  1.00 77.17  ? 41  GLU A OE1 1 
ATOM   297 O OE2 . GLU A 1 44  ? 6.287   6.230   10.112  1.00 61.79  ? 41  GLU A OE2 1 
ATOM   298 N N   . HIS A 1 45  ? 10.786  5.125   11.111  1.00 38.55  ? 42  HIS A N   1 
ATOM   299 C CA  . HIS A 1 45  ? 11.121  3.702   11.052  1.00 38.08  ? 42  HIS A CA  1 
ATOM   300 C C   . HIS A 1 45  ? 12.589  3.465   10.797  1.00 47.26  ? 42  HIS A C   1 
ATOM   301 O O   . HIS A 1 45  ? 13.063  2.329   10.862  1.00 48.54  ? 42  HIS A O   1 
ATOM   302 C CB  . HIS A 1 45  ? 10.294  2.992   9.979   1.00 33.26  ? 42  HIS A CB  1 
ATOM   303 C CG  . HIS A 1 45  ? 8.878   2.769   10.388  1.00 29.28  ? 42  HIS A CG  1 
ATOM   304 N ND1 . HIS A 1 45  ? 8.425   1.551   10.848  1.00 38.41  ? 42  HIS A ND1 1 
ATOM   305 C CD2 . HIS A 1 45  ? 7.836   3.619   10.463  1.00 35.44  ? 42  HIS A CD2 1 
ATOM   306 C CE1 . HIS A 1 45  ? 7.145   1.658   11.158  1.00 44.16  ? 42  HIS A CE1 1 
ATOM   307 N NE2 . HIS A 1 45  ? 6.762   2.901   10.936  1.00 43.20  ? 42  HIS A NE2 1 
ATOM   308 N N   . GLY A 1 46  ? 13.309  4.538   10.499  1.00 37.01  ? 43  GLY A N   1 
ATOM   309 C CA  . GLY A 1 46  ? 14.734  4.426   10.295  1.00 44.18  ? 43  GLY A CA  1 
ATOM   310 C C   . GLY A 1 46  ? 15.061  3.853   8.936   1.00 39.49  ? 43  GLY A C   1 
ATOM   311 O O   . GLY A 1 46  ? 14.193  3.742   8.070   1.00 42.86  ? 43  GLY A O   1 
ATOM   312 N N   . LEU A 1 47  ? 16.317  3.460   8.765   1.00 38.86  ? 44  LEU A N   1 
ATOM   313 C CA  . LEU A 1 47  ? 16.852  3.141   7.451   1.00 38.63  ? 44  LEU A CA  1 
ATOM   314 C C   . LEU A 1 47  ? 16.894  1.648   7.174   1.00 37.06  ? 44  LEU A C   1 
ATOM   315 O O   . LEU A 1 47  ? 17.230  1.235   6.064   1.00 38.86  ? 44  LEU A O   1 
ATOM   316 C CB  . LEU A 1 47  ? 18.257  3.739   7.316   1.00 45.15  ? 44  LEU A CB  1 
ATOM   317 C CG  . LEU A 1 47  ? 18.364  5.172   7.864   1.00 54.26  ? 44  LEU A CG  1 
ATOM   318 C CD1 . LEU A 1 47  ? 19.812  5.584   8.123   1.00 35.49  ? 44  LEU A CD1 1 
ATOM   319 C CD2 . LEU A 1 47  ? 17.659  6.172   6.942   1.00 44.41  ? 44  LEU A CD2 1 
ATOM   320 N N   . THR A 1 48  ? 16.550  0.840   8.174   1.00 32.67  ? 45  THR A N   1 
ATOM   321 C CA  . THR A 1 48  ? 16.561  -0.622  8.009   1.00 34.38  ? 45  THR A CA  1 
ATOM   322 C C   . THR A 1 48  ? 15.543  -1.161  6.988   1.00 34.60  ? 45  THR A C   1 
ATOM   323 O O   . THR A 1 48  ? 15.899  -1.999  6.162   1.00 42.79  ? 45  THR A O   1 
ATOM   324 C CB  . THR A 1 48  ? 16.316  -1.362  9.360   1.00 42.82  ? 45  THR A CB  1 
ATOM   325 O OG1 . THR A 1 48  ? 17.226  -0.882  10.353  1.00 37.50  ? 45  THR A OG1 1 
ATOM   326 C CG2 . THR A 1 48  ? 16.499  -2.883  9.199   1.00 37.20  ? 45  THR A CG2 1 
ATOM   327 N N   . PRO A 1 49  ? 14.273  -0.707  7.044   1.00 33.61  ? 46  PRO A N   1 
ATOM   328 C CA  . PRO A 1 49  ? 13.316  -1.297  6.093   1.00 27.79  ? 46  PRO A CA  1 
ATOM   329 C C   . PRO A 1 49  ? 13.575  -0.982  4.609   1.00 22.30  ? 46  PRO A C   1 
ATOM   330 O O   . PRO A 1 49  ? 13.129  -1.735  3.743   1.00 26.35  ? 46  PRO A O   1 
ATOM   331 C CB  . PRO A 1 49  ? 11.976  -0.691  6.527   1.00 29.37  ? 46  PRO A CB  1 
ATOM   332 C CG  . PRO A 1 49  ? 12.322  0.538   7.274   1.00 34.36  ? 46  PRO A CG  1 
ATOM   333 C CD  . PRO A 1 49  ? 13.605  0.222   7.974   1.00 37.44  ? 46  PRO A CD  1 
ATOM   334 N N   . TRP A 1 50  ? 14.265  0.113   4.321   1.00 23.80  ? 47  TRP A N   1 
ATOM   335 C CA  . TRP A 1 50  ? 14.477  0.552   2.940   1.00 21.14  ? 47  TRP A CA  1 
ATOM   336 C C   . TRP A 1 50  ? 15.191  -0.498  2.094   1.00 23.43  ? 47  TRP A C   1 
ATOM   337 O O   . TRP A 1 50  ? 14.903  -0.648  0.915   1.00 19.27  ? 47  TRP A O   1 
ATOM   338 C CB  . TRP A 1 50  ? 15.265  1.876   2.920   1.00 21.96  ? 47  TRP A CB  1 
ATOM   339 C CG  . TRP A 1 50  ? 15.703  2.332   1.540   1.00 20.48  ? 47  TRP A CG  1 
ATOM   340 C CD1 . TRP A 1 50  ? 16.975  2.632   1.150   1.00 25.51  ? 47  TRP A CD1 1 
ATOM   341 C CD2 . TRP A 1 50  ? 14.873  2.541   0.383   1.00 22.08  ? 47  TRP A CD2 1 
ATOM   342 N NE1 . TRP A 1 50  ? 16.992  3.010   -0.177  1.00 22.13  ? 47  TRP A NE1 1 
ATOM   343 C CE2 . TRP A 1 50  ? 15.713  2.973   -0.665  1.00 25.43  ? 47  TRP A CE2 1 
ATOM   344 C CE3 . TRP A 1 50  ? 13.501  2.411   0.132   1.00 20.60  ? 47  TRP A CE3 1 
ATOM   345 C CZ2 . TRP A 1 50  ? 15.230  3.262   -1.944  1.00 22.24  ? 47  TRP A CZ2 1 
ATOM   346 C CZ3 . TRP A 1 50  ? 13.024  2.706   -1.142  1.00 19.06  ? 47  TRP A CZ3 1 
ATOM   347 C CH2 . TRP A 1 50  ? 13.887  3.121   -2.160  1.00 19.55  ? 47  TRP A CH2 1 
ATOM   348 N N   . ASN A 1 51  ? 16.106  -1.244  2.699   1.00 24.88  ? 48  ASN A N   1 
ATOM   349 C CA  . ASN A 1 51  ? 16.807  -2.292  1.963   1.00 29.19  ? 48  ASN A CA  1 
ATOM   350 C C   . ASN A 1 51  ? 15.877  -3.413  1.503   1.00 28.23  ? 48  ASN A C   1 
ATOM   351 O O   . ASN A 1 51  ? 16.037  -3.936  0.398   1.00 28.78  ? 48  ASN A O   1 
ATOM   352 C CB  . ASN A 1 51  ? 17.939  -2.865  2.804   1.00 37.73  ? 48  ASN A CB  1 
ATOM   353 C CG  . ASN A 1 51  ? 19.111  -1.918  2.900   1.00 49.96  ? 48  ASN A CG  1 
ATOM   354 O OD1 . ASN A 1 51  ? 19.914  -1.810  1.968   1.00 52.23  ? 48  ASN A OD1 1 
ATOM   355 N ND2 . ASN A 1 51  ? 19.207  -1.205  4.019   1.00 51.05  ? 48  ASN A ND2 1 
ATOM   356 N N   . GLU A 1 52  ? 14.902  -3.765  2.339   1.00 26.44  ? 49  GLU A N   1 
ATOM   357 C CA  . GLU A 1 52  ? 13.878  -4.741  1.961   1.00 25.68  ? 49  GLU A CA  1 
ATOM   358 C C   . GLU A 1 52  ? 12.965  -4.170  0.877   1.00 26.11  ? 49  GLU A C   1 
ATOM   359 O O   . GLU A 1 52  ? 12.693  -4.820  -0.131  1.00 23.98  ? 49  GLU A O   1 
ATOM   360 C CB  . GLU A 1 52  ? 13.030  -5.154  3.168   1.00 29.64  ? 49  GLU A CB  1 
ATOM   361 C CG  . GLU A 1 52  ? 13.792  -5.813  4.321   1.00 40.85  ? 49  GLU A CG  1 
ATOM   362 C CD  . GLU A 1 52  ? 12.929  -5.968  5.576   1.00 52.03  ? 49  GLU A CD  1 
ATOM   363 O OE1 . GLU A 1 52  ? 12.164  -5.034  5.894   1.00 54.30  ? 49  GLU A OE1 1 
ATOM   364 O OE2 . GLU A 1 52  ? 13.006  -7.024  6.239   1.00 49.57  ? 49  GLU A OE2 1 
ATOM   365 N N   . VAL A 1 53  ? 12.482  -2.951  1.115   1.00 25.01  ? 50  VAL A N   1 
ATOM   366 C CA  . VAL A 1 53  ? 11.583  -2.275  0.191   1.00 20.07  ? 50  VAL A CA  1 
ATOM   367 C C   . VAL A 1 53  ? 12.149  -2.195  -1.212  1.00 22.11  ? 50  VAL A C   1 
ATOM   368 O O   . VAL A 1 53  ? 11.494  -2.603  -2.157  1.00 20.71  ? 50  VAL A O   1 
ATOM   369 C CB  . VAL A 1 53  ? 11.254  -0.843  0.662   1.00 21.91  ? 50  VAL A CB  1 
ATOM   370 C CG1 . VAL A 1 53  ? 10.624  -0.023  -0.476  1.00 20.83  ? 50  VAL A CG1 1 
ATOM   371 C CG2 . VAL A 1 53  ? 10.336  -0.892  1.863   1.00 21.00  ? 50  VAL A CG2 1 
ATOM   372 N N   . LYS A 1 54  ? 13.369  -1.693  -1.358  1.00 20.98  ? 51  LYS A N   1 
ATOM   373 C CA  . LYS A 1 54  ? 13.822  -1.331  -2.692  1.00 25.13  ? 51  LYS A CA  1 
ATOM   374 C C   . LYS A 1 54  ? 14.105  -2.546  -3.572  1.00 33.59  ? 51  LYS A C   1 
ATOM   375 O O   . LYS A 1 54  ? 14.194  -2.410  -4.790  1.00 39.51  ? 51  LYS A O   1 
ATOM   376 C CB  . LYS A 1 54  ? 15.048  -0.408  -2.618  1.00 32.23  ? 51  LYS A CB  1 
ATOM   377 C CG  . LYS A 1 54  ? 16.334  -1.025  -2.158  1.00 33.50  ? 51  LYS A CG  1 
ATOM   378 C CD  . LYS A 1 54  ? 17.416  0.054   -2.103  1.00 35.61  ? 51  LYS A CD  1 
ATOM   379 C CE  . LYS A 1 54  ? 18.724  -0.488  -1.574  1.00 33.64  ? 51  LYS A CE  1 
ATOM   380 N NZ  . LYS A 1 54  ? 19.813  0.520   -1.759  1.00 40.08  ? 51  LYS A NZ  1 
ATOM   381 N N   . LYS A 1 55  ? 14.213  -3.732  -2.977  1.00 25.60  ? 52  LYS A N   1 
ATOM   382 C CA  . LYS A 1 55  ? 14.419  -4.936  -3.775  1.00 35.09  ? 52  LYS A CA  1 
ATOM   383 C C   . LYS A 1 55  ? 13.172  -5.826  -3.831  1.00 31.70  ? 52  LYS A C   1 
ATOM   384 O O   . LYS A 1 55  ? 13.177  -6.863  -4.491  1.00 35.48  ? 52  LYS A O   1 
ATOM   385 C CB  . LYS A 1 55  ? 15.616  -5.739  -3.240  1.00 40.12  ? 52  LYS A CB  1 
ATOM   386 C CG  . LYS A 1 55  ? 15.478  -6.236  -1.806  1.00 38.58  ? 52  LYS A CG  1 
ATOM   387 C CD  . LYS A 1 55  ? 16.647  -7.148  -1.431  1.00 47.96  ? 52  LYS A CD  1 
ATOM   388 C CE  . LYS A 1 55  ? 16.784  -7.340  0.083   1.00 46.04  ? 52  LYS A CE  1 
ATOM   389 N NZ  . LYS A 1 55  ? 15.664  -8.097  0.725   1.00 43.55  ? 52  LYS A NZ  1 
ATOM   390 N N   . ALA A 1 56  ? 12.099  -5.423  -3.158  1.00 25.96  ? 53  ALA A N   1 
ATOM   391 C CA  . ALA A 1 56  ? 10.909  -6.276  -3.071  1.00 24.88  ? 53  ALA A CA  1 
ATOM   392 C C   . ALA A 1 56  ? 10.032  -6.255  -4.319  1.00 24.71  ? 53  ALA A C   1 
ATOM   393 O O   . ALA A 1 56  ? 9.755   -5.195  -4.882  1.00 23.14  ? 53  ALA A O   1 
ATOM   394 C CB  . ALA A 1 56  ? 10.075  -5.881  -1.866  1.00 24.30  ? 53  ALA A CB  1 
ATOM   395 N N   . ARG A 1 57  ? 9.593   -7.435  -4.745  1.00 26.53  ? 54  ARG A N   1 
ATOM   396 C CA  . ARG A 1 57  ? 8.512   -7.538  -5.716  1.00 19.83  ? 54  ARG A CA  1 
ATOM   397 C C   . ARG A 1 57  ? 7.206   -7.254  -4.971  1.00 24.62  ? 54  ARG A C   1 
ATOM   398 O O   . ARG A 1 57  ? 7.213   -7.116  -3.744  1.00 23.71  ? 54  ARG A O   1 
ATOM   399 C CB  . ARG A 1 57  ? 8.479   -8.925  -6.371  1.00 34.11  ? 54  ARG A CB  1 
ATOM   400 C CG  . ARG A 1 57  ? 9.820   -9.408  -6.919  1.00 42.05  ? 54  ARG A CG  1 
ATOM   401 C CD  . ARG A 1 57  ? 10.317  -8.542  -8.077  1.00 52.86  ? 54  ARG A CD  1 
ATOM   402 N NE  . ARG A 1 57  ? 9.836   -8.990  -9.388  1.00 74.14  ? 54  ARG A NE  1 
ATOM   403 C CZ  . ARG A 1 57  ? 10.542  -9.736  -10.236 1.00 71.43  ? 54  ARG A CZ  1 
ATOM   404 N NH1 . ARG A 1 57  ? 10.025  -10.090 -11.409 1.00 52.45  ? 54  ARG A NH1 1 
ATOM   405 N NH2 . ARG A 1 57  ? 11.771  -10.129 -9.919  1.00 67.82  ? 54  ARG A NH2 1 
ATOM   406 N N   . ARG A 1 58  ? 6.086   -7.198  -5.692  1.00 21.28  ? 55  ARG A N   1 
ATOM   407 C CA  . ARG A 1 58  ? 4.815   -6.779  -5.097  1.00 23.04  ? 55  ARG A CA  1 
ATOM   408 C C   . ARG A 1 58  ? 4.377   -7.627  -3.895  1.00 22.75  ? 55  ARG A C   1 
ATOM   409 O O   . ARG A 1 58  ? 4.040   -7.089  -2.840  1.00 15.85  ? 55  ARG A O   1 
ATOM   410 C CB  . ARG A 1 58  ? 3.713   -6.777  -6.159  1.00 17.28  ? 55  ARG A CB  1 
ATOM   411 C CG  . ARG A 1 58  ? 3.905   -5.688  -7.202  1.00 18.34  ? 55  ARG A CG  1 
ATOM   412 C CD  . ARG A 1 58  ? 2.903   -5.813  -8.348  1.00 17.57  ? 55  ARG A CD  1 
ATOM   413 N NE  . ARG A 1 58  ? 3.140   -4.772  -9.352  1.00 20.24  ? 55  ARG A NE  1 
ATOM   414 C CZ  . ARG A 1 58  ? 4.086   -4.844  -10.286 1.00 21.00  ? 55  ARG A CZ  1 
ATOM   415 N NH1 . ARG A 1 58  ? 4.252   -3.851  -11.148 1.00 26.14  ? 55  ARG A NH1 1 
ATOM   416 N NH2 . ARG A 1 58  ? 4.872   -5.909  -10.352 1.00 27.04  ? 55  ARG A NH2 1 
ATOM   417 N N   . GLU A 1 59  ? 4.394   -8.947  -4.033  1.00 23.37  ? 56  GLU A N   1 
ATOM   418 C CA  . GLU A 1 59  ? 3.925   -9.772  -2.934  1.00 21.69  ? 56  GLU A CA  1 
ATOM   419 C C   . GLU A 1 59  ? 4.824   -9.559  -1.729  1.00 23.18  ? 56  GLU A C   1 
ATOM   420 O O   . GLU A 1 59  ? 4.351   -9.447  -0.605  1.00 23.97  ? 56  GLU A O   1 
ATOM   421 C CB  . GLU A 1 59  ? 3.885   -11.254 -3.314  1.00 26.47  ? 56  GLU A CB  1 
ATOM   422 C CG  . GLU A 1 59  ? 3.397   -12.141 -2.187  1.00 33.24  ? 56  GLU A CG  1 
ATOM   423 C CD  . GLU A 1 59  ? 3.394   -13.613 -2.560  1.00 48.46  ? 56  GLU A CD  1 
ATOM   424 O OE1 . GLU A 1 59  ? 3.829   -13.941 -3.686  1.00 44.11  ? 56  GLU A OE1 1 
ATOM   425 O OE2 . GLU A 1 59  ? 2.965   -14.436 -1.724  1.00 53.47  ? 56  GLU A OE2 1 
ATOM   426 N N   . ASP A 1 60  ? 6.124   -9.472  -1.974  1.00 21.82  ? 57  ASP A N   1 
ATOM   427 C CA  . ASP A 1 60  ? 7.082   -9.251  -0.899  1.00 27.24  ? 57  ASP A CA  1 
ATOM   428 C C   . ASP A 1 60  ? 6.894   -7.869  -0.266  1.00 24.67  ? 57  ASP A C   1 
ATOM   429 O O   . ASP A 1 60  ? 7.045   -7.708  0.949   1.00 22.07  ? 57  ASP A O   1 
ATOM   430 C CB  . ASP A 1 60  ? 8.516   -9.420  -1.419  1.00 24.99  ? 57  ASP A CB  1 
ATOM   431 C CG  . ASP A 1 60  ? 8.902   -10.888 -1.617  1.00 32.32  ? 57  ASP A CG  1 
ATOM   432 O OD1 . ASP A 1 60  ? 8.335   -11.750 -0.922  1.00 33.14  ? 57  ASP A OD1 1 
ATOM   433 O OD2 . ASP A 1 60  ? 9.775   -11.186 -2.459  1.00 35.89  ? 57  ASP A OD2 1 
ATOM   434 N N   . LEU A 1 61  ? 6.554   -6.877  -1.082  1.00 24.07  ? 58  LEU A N   1 
ATOM   435 C CA  . LEU A 1 61  ? 6.342   -5.526  -0.562  1.00 21.29  ? 58  LEU A CA  1 
ATOM   436 C C   . LEU A 1 61  ? 5.114   -5.486  0.340   1.00 18.90  ? 58  LEU A C   1 
ATOM   437 O O   . LEU A 1 61  ? 5.150   -4.862  1.391   1.00 21.53  ? 58  LEU A O   1 
ATOM   438 C CB  . LEU A 1 61  ? 6.191   -4.514  -1.699  1.00 18.52  ? 58  LEU A CB  1 
ATOM   439 C CG  . LEU A 1 61  ? 6.099   -3.027  -1.323  1.00 20.17  ? 58  LEU A CG  1 
ATOM   440 C CD1 . LEU A 1 61  ? 7.347   -2.558  -0.583  1.00 17.77  ? 58  LEU A CD1 1 
ATOM   441 C CD2 . LEU A 1 61  ? 5.867   -2.185  -2.579  1.00 16.36  ? 58  LEU A CD2 1 
ATOM   442 N N   . ALA A 1 62  ? 4.032   -6.146  -0.069  1.00 18.63  ? 59  ALA A N   1 
ATOM   443 C CA  . ALA A 1 62  ? 2.816   -6.178  0.744   1.00 21.90  ? 59  ALA A CA  1 
ATOM   444 C C   . ALA A 1 62  ? 3.092   -6.817  2.098   1.00 24.93  ? 59  ALA A C   1 
ATOM   445 O O   . ALA A 1 62  ? 2.620   -6.335  3.121   1.00 24.24  ? 59  ALA A O   1 
ATOM   446 C CB  . ALA A 1 62  ? 1.690   -6.933  0.024   1.00 19.70  ? 59  ALA A CB  1 
ATOM   447 N N   . ASN A 1 63  ? 3.854   -7.908  2.099   1.00 23.62  ? 60  ASN A N   1 
ATOM   448 C CA  . ASN A 1 63  ? 4.182   -8.597  3.336   1.00 22.84  ? 60  ASN A CA  1 
ATOM   449 C C   . ASN A 1 63  ? 5.043   -7.752  4.273   1.00 21.35  ? 60  ASN A C   1 
ATOM   450 O O   . ASN A 1 63  ? 4.832   -7.730  5.481   1.00 21.18  ? 60  ASN A O   1 
ATOM   451 C CB  . ASN A 1 63  ? 4.894   -9.920  3.035   1.00 23.19  ? 60  ASN A CB  1 
ATOM   452 C CG  . ASN A 1 63  ? 3.982   -10.936 2.390   1.00 28.63  ? 60  ASN A CG  1 
ATOM   453 O OD1 . ASN A 1 63  ? 2.757   -10.787 2.401   1.00 26.98  ? 60  ASN A OD1 1 
ATOM   454 N ND2 . ASN A 1 63  ? 4.568   -11.983 1.826   1.00 32.23  ? 60  ASN A ND2 1 
ATOM   455 N N   . LEU A 1 64  ? 6.018   -7.042  3.728   1.00 21.76  ? 61  LEU A N   1 
ATOM   456 C CA  . LEU A 1 64  ? 6.900   -6.302  4.610   1.00 21.79  ? 61  LEU A CA  1 
ATOM   457 C C   . LEU A 1 64  ? 6.176   -5.079  5.173   1.00 20.82  ? 61  LEU A C   1 
ATOM   458 O O   . LEU A 1 64  ? 6.383   -4.723  6.327   1.00 18.42  ? 61  LEU A O   1 
ATOM   459 C CB  . LEU A 1 64  ? 8.194   -5.925  3.898   1.00 22.07  ? 61  LEU A CB  1 
ATOM   460 C CG  . LEU A 1 64  ? 8.277   -4.783  2.902   1.00 33.08  ? 61  LEU A CG  1 
ATOM   461 C CD1 . LEU A 1 64  ? 8.600   -3.485  3.630   1.00 33.67  ? 61  LEU A CD1 1 
ATOM   462 C CD2 . LEU A 1 64  ? 9.362   -5.113  1.894   1.00 38.24  ? 61  LEU A CD2 1 
ATOM   463 N N   . MET A 1 65  ? 5.288   -4.473  4.385   1.00 15.95  ? 62  MET A N   1 
ATOM   464 C CA  . MET A 1 65  ? 4.487   -3.361  4.891   1.00 16.92  ? 62  MET A CA  1 
ATOM   465 C C   . MET A 1 65  ? 3.638   -3.794  6.077   1.00 16.48  ? 62  MET A C   1 
ATOM   466 O O   . MET A 1 65  ? 3.435   -3.017  7.009   1.00 16.77  ? 62  MET A O   1 
ATOM   467 C CB  . MET A 1 65  ? 3.583   -2.776  3.794   1.00 15.90  ? 62  MET A CB  1 
ATOM   468 C CG  . MET A 1 65  ? 4.326   -1.899  2.783   1.00 16.53  ? 62  MET A CG  1 
ATOM   469 S SD  . MET A 1 65  ? 3.220   -1.189  1.573   1.00 18.95  ? 62  MET A SD  1 
ATOM   470 C CE  . MET A 1 65  ? 2.334   -0.012  2.586   1.00 20.42  ? 62  MET A CE  1 
ATOM   471 N N   . LYS A 1 66  ? 3.148   -5.031  6.052   1.00 17.33  ? 63  LYS A N   1 
ATOM   472 C CA  . LYS A 1 66  ? 2.279   -5.506  7.129   1.00 19.03  ? 63  LYS A CA  1 
ATOM   473 C C   . LYS A 1 66  ? 3.041   -5.785  8.423   1.00 21.27  ? 63  LYS A C   1 
ATOM   474 O O   . LYS A 1 66  ? 2.435   -5.848  9.497   1.00 21.08  ? 63  LYS A O   1 
ATOM   475 C CB  . LYS A 1 66  ? 1.501   -6.751  6.684   1.00 22.25  ? 63  LYS A CB  1 
ATOM   476 C CG  . LYS A 1 66  ? 0.235   -6.388  5.909   1.00 22.79  ? 63  LYS A CG  1 
ATOM   477 C CD  . LYS A 1 66  ? 0.003   -7.314  4.729   1.00 29.26  ? 63  LYS A CD  1 
ATOM   478 C CE  . LYS A 1 66  ? -0.653  -8.612  5.135   1.00 31.84  ? 63  LYS A CE  1 
ATOM   479 N NZ  . LYS A 1 66  ? -0.968  -9.444  3.931   1.00 35.26  ? 63  LYS A NZ  1 
ATOM   480 N N   . LYS A 1 67  ? 4.365   -5.925  8.333   1.00 21.57  ? 64  LYS A N   1 
ATOM   481 C CA  . LYS A 1 67  ? 5.200   -6.064  9.534   1.00 17.53  ? 64  LYS A CA  1 
ATOM   482 C C   . LYS A 1 67  ? 5.261   -4.748  10.297  1.00 23.79  ? 64  LYS A C   1 
ATOM   483 O O   . LYS A 1 67  ? 5.164   -4.721  11.520  1.00 19.50  ? 64  LYS A O   1 
ATOM   484 C CB  . LYS A 1 67  ? 6.619   -6.522  9.167   1.00 23.22  ? 64  LYS A CB  1 
ATOM   485 C CG  . LYS A 1 67  ? 6.767   -8.011  8.938   1.00 20.95  ? 64  LYS A CG  1 
ATOM   486 C CD  . LYS A 1 67  ? 8.002   -8.350  8.091   1.00 22.39  ? 64  LYS A CD  1 
ATOM   487 C CE  . LYS A 1 67  ? 9.277   -7.753  8.613   1.00 35.92  ? 64  LYS A CE  1 
ATOM   488 N NZ  . LYS A 1 67  ? 10.452  -8.259  7.823   1.00 35.87  ? 64  LYS A NZ  1 
ATOM   489 N N   . TYR A 1 68  ? 5.413   -3.651  9.561   1.00 20.69  ? 65  TYR A N   1 
ATOM   490 C CA  . TYR A 1 68  ? 5.569   -2.340  10.169  1.00 18.50  ? 65  TYR A CA  1 
ATOM   491 C C   . TYR A 1 68  ? 4.233   -1.662  10.438  1.00 22.62  ? 65  TYR A C   1 
ATOM   492 O O   . TYR A 1 68  ? 4.105   -0.864  11.371  1.00 23.48  ? 65  TYR A O   1 
ATOM   493 C CB  . TYR A 1 68  ? 6.433   -1.459  9.268   1.00 21.50  ? 65  TYR A CB  1 
ATOM   494 C CG  . TYR A 1 68  ? 7.842   -1.980  9.087   1.00 27.29  ? 65  TYR A CG  1 
ATOM   495 C CD1 . TYR A 1 68  ? 8.858   -1.599  9.960   1.00 42.30  ? 65  TYR A CD1 1 
ATOM   496 C CD2 . TYR A 1 68  ? 8.163   -2.844  8.046   1.00 25.38  ? 65  TYR A CD2 1 
ATOM   497 C CE1 . TYR A 1 68  ? 10.153  -2.062  9.803   1.00 41.29  ? 65  TYR A CE1 1 
ATOM   498 C CE2 . TYR A 1 68  ? 9.457   -3.323  7.884   1.00 33.93  ? 65  TYR A CE2 1 
ATOM   499 C CZ  . TYR A 1 68  ? 10.446  -2.927  8.765   1.00 46.07  ? 65  TYR A CZ  1 
ATOM   500 O OH  . TYR A 1 68  ? 11.734  -3.388  8.612   1.00 55.76  ? 65  TYR A OH  1 
ATOM   501 N N   . TYR A 1 69  ? 3.247   -1.983  9.602   1.00 19.70  ? 66  TYR A N   1 
ATOM   502 C CA  . TYR A 1 69  ? 1.923   -1.377  9.651   1.00 21.30  ? 66  TYR A CA  1 
ATOM   503 C C   . TYR A 1 69  ? 0.898   -2.509  9.707   1.00 21.18  ? 66  TYR A C   1 
ATOM   504 O O   . TYR A 1 69  ? 0.346   -2.901  8.682   1.00 18.54  ? 66  TYR A O   1 
ATOM   505 C CB  . TYR A 1 69  ? 1.679   -0.470  8.421   1.00 18.23  ? 66  TYR A CB  1 
ATOM   506 C CG  . TYR A 1 69  ? 2.650   0.699   8.287   1.00 25.27  ? 66  TYR A CG  1 
ATOM   507 C CD1 . TYR A 1 69  ? 2.600   1.778   9.161   1.00 25.13  ? 66  TYR A CD1 1 
ATOM   508 C CD2 . TYR A 1 69  ? 3.599   0.732   7.270   1.00 23.99  ? 66  TYR A CD2 1 
ATOM   509 C CE1 . TYR A 1 69  ? 3.468   2.849   9.034   1.00 25.34  ? 66  TYR A CE1 1 
ATOM   510 C CE2 . TYR A 1 69  ? 4.479   1.791   7.144   1.00 20.71  ? 66  TYR A CE2 1 
ATOM   511 C CZ  . TYR A 1 69  ? 4.407   2.847   8.025   1.00 25.82  ? 66  TYR A CZ  1 
ATOM   512 O OH  . TYR A 1 69  ? 5.275   3.911   7.891   1.00 31.38  ? 66  TYR A OH  1 
ATOM   513 N N   . PRO A 1 70  ? 0.651   -3.051  10.911  1.00 24.94  ? 67  PRO A N   1 
ATOM   514 C CA  . PRO A 1 70  ? -0.135  -4.281  10.996  1.00 27.14  ? 67  PRO A CA  1 
ATOM   515 C C   . PRO A 1 70  ? -1.593  -4.069  10.609  1.00 30.59  ? 67  PRO A C   1 
ATOM   516 O O   . PRO A 1 70  ? -2.123  -2.969  10.781  1.00 28.00  ? 67  PRO A O   1 
ATOM   517 C CB  . PRO A 1 70  ? -0.028  -4.684  12.474  1.00 26.35  ? 67  PRO A CB  1 
ATOM   518 C CG  . PRO A 1 70  ? 0.938   -3.736  13.105  1.00 26.07  ? 67  PRO A CG  1 
ATOM   519 C CD  . PRO A 1 70  ? 0.977   -2.507  12.240  1.00 28.25  ? 67  PRO A CD  1 
ATOM   520 N N   . GLY A 1 71  ? -2.213  -5.116  10.078  1.00 30.43  ? 68  GLY A N   1 
ATOM   521 C CA  . GLY A 1 71  ? -3.636  -5.113  9.790   1.00 34.23  ? 68  GLY A CA  1 
ATOM   522 C C   . GLY A 1 71  ? -4.026  -4.107  8.736   1.00 34.49  ? 68  GLY A C   1 
ATOM   523 O O   . GLY A 1 71  ? -3.407  -4.031  7.670   1.00 41.30  ? 68  GLY A O   1 
ATOM   524 N N   . GLU A 1 72  ? -5.053  -3.322  9.034   1.00 33.91  ? 69  GLU A N   1 
ATOM   525 C CA  . GLU A 1 72  ? -5.551  -2.339  8.085   1.00 33.34  ? 69  GLU A CA  1 
ATOM   526 C C   . GLU A 1 72  ? -4.591  -1.172  7.895   1.00 26.09  ? 69  GLU A C   1 
ATOM   527 O O   . GLU A 1 72  ? -4.743  -0.395  6.965   1.00 29.28  ? 69  GLU A O   1 
ATOM   528 C CB  . GLU A 1 72  ? -6.911  -1.815  8.534   1.00 40.55  ? 69  GLU A CB  1 
ATOM   529 C CG  . GLU A 1 72  ? -8.025  -2.835  8.443   1.00 62.12  ? 69  GLU A CG  1 
ATOM   530 C CD  . GLU A 1 72  ? -9.137  -2.557  9.432   1.00 90.57  ? 69  GLU A CD  1 
ATOM   531 O OE1 . GLU A 1 72  ? -9.219  -3.281  10.449  1.00 104.27 ? 69  GLU A OE1 1 
ATOM   532 O OE2 . GLU A 1 72  ? -9.926  -1.615  9.200   1.00 89.61  ? 69  GLU A OE2 1 
ATOM   533 N N   . LYS A 1 73  ? -3.611  -1.042  8.780   1.00 22.55  ? 70  LYS A N   1 
ATOM   534 C CA  . LYS A 1 73  ? -2.681  0.074   8.693   1.00 23.39  ? 70  LYS A CA  1 
ATOM   535 C C   . LYS A 1 73  ? -1.868  0.052   7.394   1.00 23.72  ? 70  LYS A C   1 
ATOM   536 O O   . LYS A 1 73  ? -1.629  1.097   6.801   1.00 24.07  ? 70  LYS A O   1 
ATOM   537 C CB  . LYS A 1 73  ? -1.752  0.095   9.912   1.00 26.42  ? 70  LYS A CB  1 
ATOM   538 C CG  . LYS A 1 73  ? -2.481  0.465   11.194  1.00 36.36  ? 70  LYS A CG  1 
ATOM   539 C CD  . LYS A 1 73  ? -1.546  0.716   12.365  1.00 53.15  ? 70  LYS A CD  1 
ATOM   540 C CE  . LYS A 1 73  ? -2.339  1.161   13.588  1.00 65.21  ? 70  LYS A CE  1 
ATOM   541 N NZ  . LYS A 1 73  ? -1.481  1.759   14.649  1.00 60.37  ? 70  LYS A NZ  1 
ATOM   542 N N   . ALA A 1 74  ? -1.463  -1.135  6.946   1.00 19.28  ? 71  ALA A N   1 
ATOM   543 C CA  . ALA A 1 74  ? -0.712  -1.277  5.702   1.00 18.88  ? 71  ALA A CA  1 
ATOM   544 C C   . ALA A 1 74  ? -1.577  -0.844  4.529   1.00 21.06  ? 71  ALA A C   1 
ATOM   545 O O   . ALA A 1 74  ? -1.107  -0.223  3.580   1.00 20.10  ? 71  ALA A O   1 
ATOM   546 C CB  . ALA A 1 74  ? -0.247  -2.724  5.504   1.00 18.55  ? 71  ALA A CB  1 
ATOM   547 N N   . TRP A 1 75  ? -2.850  -1.199  4.616   1.00 20.74  ? 72  TRP A N   1 
ATOM   548 C CA  . TRP A 1 75  ? -3.838  -0.833  3.619   1.00 23.01  ? 72  TRP A CA  1 
ATOM   549 C C   . TRP A 1 75  ? -4.062  0.673   3.631   1.00 22.85  ? 72  TRP A C   1 
ATOM   550 O O   . TRP A 1 75  ? -4.040  1.328   2.586   1.00 21.59  ? 72  TRP A O   1 
ATOM   551 C CB  . TRP A 1 75  ? -5.142  -1.593  3.888   1.00 21.39  ? 72  TRP A CB  1 
ATOM   552 C CG  . TRP A 1 75  ? -6.318  -1.072  3.155   1.00 28.60  ? 72  TRP A CG  1 
ATOM   553 C CD1 . TRP A 1 75  ? -7.390  -0.407  3.681   1.00 30.36  ? 72  TRP A CD1 1 
ATOM   554 C CD2 . TRP A 1 75  ? -6.560  -1.182  1.755   1.00 28.68  ? 72  TRP A CD2 1 
ATOM   555 N NE1 . TRP A 1 75  ? -8.283  -0.092  2.691   1.00 30.00  ? 72  TRP A NE1 1 
ATOM   556 C CE2 . TRP A 1 75  ? -7.797  -0.557  1.495   1.00 37.30  ? 72  TRP A CE2 1 
ATOM   557 C CE3 . TRP A 1 75  ? -5.847  -1.739  0.688   1.00 30.20  ? 72  TRP A CE3 1 
ATOM   558 C CZ2 . TRP A 1 75  ? -8.340  -0.479  0.216   1.00 33.83  ? 72  TRP A CZ2 1 
ATOM   559 C CZ3 . TRP A 1 75  ? -6.392  -1.667  -0.580  1.00 32.02  ? 72  TRP A CZ3 1 
ATOM   560 C CH2 . TRP A 1 75  ? -7.622  -1.037  -0.805  1.00 31.17  ? 72  TRP A CH2 1 
ATOM   561 N N   . SER A 1 76  ? -4.247  1.225   4.825   1.00 20.12  ? 73  SER A N   1 
ATOM   562 C CA  . SER A 1 76  ? -4.482  2.661   4.961   1.00 23.80  ? 73  SER A CA  1 
ATOM   563 C C   . SER A 1 76  ? -3.313  3.506   4.432   1.00 21.98  ? 73  SER A C   1 
ATOM   564 O O   . SER A 1 76  ? -3.518  4.514   3.753   1.00 18.01  ? 73  SER A O   1 
ATOM   565 C CB  . SER A 1 76  ? -4.763  3.002   6.423   1.00 28.39  ? 73  SER A CB  1 
ATOM   566 O OG  . SER A 1 76  ? -4.796  4.405   6.621   1.00 46.53  ? 73  SER A OG  1 
ATOM   567 N N   . VAL A 1 77  ? -2.089  3.097   4.742   1.00 20.45  ? 74  VAL A N   1 
ATOM   568 C CA  . VAL A 1 77  ? -0.901  3.804   4.254   1.00 16.76  ? 74  VAL A CA  1 
ATOM   569 C C   . VAL A 1 77  ? -0.835  3.777   2.722   1.00 17.29  ? 74  VAL A C   1 
ATOM   570 O O   . VAL A 1 77  ? -0.511  4.777   2.087   1.00 16.29  ? 74  VAL A O   1 
ATOM   571 C CB  . VAL A 1 77  ? 0.384   3.191   4.830   1.00 18.51  ? 74  VAL A CB  1 
ATOM   572 C CG1 . VAL A 1 77  ? 1.589   3.554   3.978   1.00 19.03  ? 74  VAL A CG1 1 
ATOM   573 C CG2 . VAL A 1 77  ? 0.594   3.625   6.293   1.00 24.73  ? 74  VAL A CG2 1 
ATOM   574 N N   A SER A 1 78  ? -1.150  2.629   2.130   0.43 16.32  ? 75  SER A N   1 
ATOM   575 N N   B SER A 1 78  ? -1.144  2.629   2.133   0.57 16.58  ? 75  SER A N   1 
ATOM   576 C CA  A SER A 1 78  ? -1.064  2.490   0.678   0.43 18.00  ? 75  SER A CA  1 
ATOM   577 C CA  B SER A 1 78  ? -1.065  2.494   0.686   0.57 18.01  ? 75  SER A CA  1 
ATOM   578 C C   A SER A 1 78  ? -2.090  3.374   -0.026  0.43 18.11  ? 75  SER A C   1 
ATOM   579 C C   B SER A 1 78  ? -2.083  3.388   -0.015  0.57 17.79  ? 75  SER A C   1 
ATOM   580 O O   A SER A 1 78  ? -1.800  3.947   -1.072  0.43 18.06  ? 75  SER A O   1 
ATOM   581 O O   B SER A 1 78  ? -1.785  3.981   -1.047  0.57 18.24  ? 75  SER A O   1 
ATOM   582 C CB  A SER A 1 78  ? -1.250  1.029   0.242   0.43 18.44  ? 75  SER A CB  1 
ATOM   583 C CB  B SER A 1 78  ? -1.271  1.041   0.268   0.57 18.45  ? 75  SER A CB  1 
ATOM   584 O OG  A SER A 1 78  ? -2.612  0.626   0.286   0.43 21.00  ? 75  SER A OG  1 
ATOM   585 O OG  B SER A 1 78  ? -0.397  0.192   0.987   0.57 15.63  ? 75  SER A OG  1 
ATOM   586 N N   . LEU A 1 79  ? -3.281  3.488   0.550   1.00 19.78  ? 76  LEU A N   1 
ATOM   587 C CA  . LEU A 1 79  ? -4.345  4.273   -0.072  1.00 18.88  ? 76  LEU A CA  1 
ATOM   588 C C   . LEU A 1 79  ? -3.966  5.739   -0.168  1.00 19.61  ? 76  LEU A C   1 
ATOM   589 O O   . LEU A 1 79  ? -4.196  6.379   -1.188  1.00 17.87  ? 76  LEU A O   1 
ATOM   590 C CB  . LEU A 1 79  ? -5.649  4.129   0.704   1.00 20.50  ? 76  LEU A CB  1 
ATOM   591 C CG  . LEU A 1 79  ? -6.473  2.863   0.493   1.00 30.19  ? 76  LEU A CG  1 
ATOM   592 C CD1 . LEU A 1 79  ? -7.894  3.131   0.964   1.00 30.42  ? 76  LEU A CD1 1 
ATOM   593 C CD2 . LEU A 1 79  ? -6.462  2.381   -0.965  1.00 25.73  ? 76  LEU A CD2 1 
ATOM   594 N N   . LYS A 1 80  ? -3.392  6.269   0.910   1.00 17.98  ? 77  LYS A N   1 
ATOM   595 C CA  . LYS A 1 80  ? -2.953  7.654   0.928   1.00 22.57  ? 77  LYS A CA  1 
ATOM   596 C C   . LYS A 1 80  ? -1.899  7.879   -0.145  1.00 17.96  ? 77  LYS A C   1 
ATOM   597 O O   . LYS A 1 80  ? -1.935  8.879   -0.846  1.00 20.02  ? 77  LYS A O   1 
ATOM   598 C CB  . LYS A 1 80  ? -2.406  8.036   2.304   1.00 20.74  ? 77  LYS A CB  1 
ATOM   599 C CG  . LYS A 1 80  ? -3.434  7.910   3.415   1.00 25.04  ? 77  LYS A CG  1 
ATOM   600 C CD  . LYS A 1 80  ? -2.872  8.329   4.773   1.00 40.45  ? 77  LYS A CD  1 
ATOM   601 C CE  . LYS A 1 80  ? -3.908  8.125   5.876   1.00 40.26  ? 77  LYS A CE  1 
ATOM   602 N NZ  . LYS A 1 80  ? -3.361  8.424   7.231   1.00 49.28  ? 77  LYS A NZ  1 
ATOM   603 N N   . ILE A 1 81  ? -0.982  6.930   -0.291  1.00 16.56  ? 78  ILE A N   1 
ATOM   604 C CA  . ILE A 1 81  ? 0.036   7.026   -1.333  1.00 15.63  ? 78  ILE A CA  1 
ATOM   605 C C   . ILE A 1 81  ? -0.575  7.012   -2.739  1.00 16.08  ? 78  ILE A C   1 
ATOM   606 O O   . ILE A 1 81  ? -0.186  7.828   -3.591  1.00 15.45  ? 78  ILE A O   1 
ATOM   607 C CB  . ILE A 1 81  ? 1.069   5.892   -1.203  1.00 16.28  ? 78  ILE A CB  1 
ATOM   608 C CG1 . ILE A 1 81  ? 1.968   6.133   0.014   1.00 14.65  ? 78  ILE A CG1 1 
ATOM   609 C CG2 . ILE A 1 81  ? 1.939   5.817   -2.444  1.00 16.84  ? 78  ILE A CG2 1 
ATOM   610 C CD1 . ILE A 1 81  ? 3.043   5.052   0.191   1.00 13.95  ? 78  ILE A CD1 1 
ATOM   611 N N   . PHE A 1 82  ? -1.537  6.115   -2.981  1.00 15.29  ? 79  PHE A N   1 
ATOM   612 C CA  . PHE A 1 82  ? -2.232  6.090   -4.281  1.00 16.04  ? 79  PHE A CA  1 
ATOM   613 C C   . PHE A 1 82  ? -2.803  7.462   -4.603  1.00 21.96  ? 79  PHE A C   1 
ATOM   614 O O   . PHE A 1 82  ? -2.709  7.934   -5.736  1.00 21.85  ? 79  PHE A O   1 
ATOM   615 C CB  . PHE A 1 82  ? -3.353  5.044   -4.298  1.00 15.54  ? 79  PHE A CB  1 
ATOM   616 C CG  . PHE A 1 82  ? -2.874  3.625   -4.103  1.00 21.02  ? 79  PHE A CG  1 
ATOM   617 C CD1 . PHE A 1 82  ? -1.620  3.233   -4.538  1.00 17.84  ? 79  PHE A CD1 1 
ATOM   618 C CD2 . PHE A 1 82  ? -3.676  2.688   -3.461  1.00 22.85  ? 79  PHE A CD2 1 
ATOM   619 C CE1 . PHE A 1 82  ? -1.181  1.925   -4.347  1.00 18.24  ? 79  PHE A CE1 1 
ATOM   620 C CE2 . PHE A 1 82  ? -3.242  1.375   -3.269  1.00 18.99  ? 79  PHE A CE2 1 
ATOM   621 C CZ  . PHE A 1 82  ? -1.992  1.002   -3.711  1.00 19.07  ? 79  PHE A CZ  1 
ATOM   622 N N   . GLY A 1 83  ? -3.383  8.111   -3.597  1.00 16.34  ? 80  GLY A N   1 
ATOM   623 C CA  . GLY A 1 83  ? -3.931  9.437   -3.790  1.00 16.87  ? 80  GLY A CA  1 
ATOM   624 C C   . GLY A 1 83  ? -2.864  10.479  -4.097  1.00 21.33  ? 80  GLY A C   1 
ATOM   625 O O   . GLY A 1 83  ? -3.065  11.350  -4.938  1.00 22.82  ? 80  GLY A O   1 
ATOM   626 N N   . LYS A 1 84  ? -1.717  10.383  -3.435  1.00 18.97  ? 81  LYS A N   1 
ATOM   627 C CA  . LYS A 1 84  ? -0.649  11.346  -3.664  1.00 23.55  ? 81  LYS A CA  1 
ATOM   628 C C   . LYS A 1 84  ? 0.029   11.140  -5.007  1.00 22.76  ? 81  LYS A C   1 
ATOM   629 O O   . LYS A 1 84  ? 0.533   12.099  -5.614  1.00 19.80  ? 81  LYS A O   1 
ATOM   630 C CB  . LYS A 1 84  ? 0.389   11.270  -2.545  1.00 16.51  ? 81  LYS A CB  1 
ATOM   631 C CG  . LYS A 1 84  ? -0.178  11.563  -1.177  1.00 24.95  ? 81  LYS A CG  1 
ATOM   632 C CD  . LYS A 1 84  ? 0.934   11.678  -0.141  1.00 28.94  ? 81  LYS A CD  1 
ATOM   633 C CE  . LYS A 1 84  ? 0.351   11.926  1.238   1.00 40.14  ? 81  LYS A CE  1 
ATOM   634 N NZ  . LYS A 1 84  ? 1.406   12.128  2.266   1.00 43.82  ? 81  LYS A NZ  1 
ATOM   635 N N   . MET A 1 85  ? 0.046   9.904   -5.492  1.00 16.03  ? 82  MET A N   1 
ATOM   636 C CA  . MET A 1 85  ? 0.700   9.657   -6.775  1.00 20.91  ? 82  MET A CA  1 
ATOM   637 C C   . MET A 1 85  ? -0.303  9.754   -7.931  1.00 20.82  ? 82  MET A C   1 
ATOM   638 O O   . MET A 1 85  ? 0.010   9.401   -9.069  1.00 23.81  ? 82  MET A O   1 
ATOM   639 C CB  . MET A 1 85  ? 1.448   8.305   -6.766  1.00 23.29  ? 82  MET A CB  1 
ATOM   640 C CG  . MET A 1 85  ? 0.628   7.057   -6.590  1.00 21.81  ? 82  MET A CG  1 
ATOM   641 S SD  . MET A 1 85  ? 1.720   5.621   -6.384  1.00 23.68  ? 82  MET A SD  1 
ATOM   642 C CE  . MET A 1 85  ? 2.132   5.250   -8.085  1.00 21.25  ? 82  MET A CE  1 
ATOM   643 N N   . ASN A 1 86  ? -1.487  10.288  -7.624  1.00 16.85  ? 83  ASN A N   1 
ATOM   644 C CA  . ASN A 1 86  ? -2.535  10.606  -8.606  1.00 26.14  ? 83  ASN A CA  1 
ATOM   645 C C   . ASN A 1 86  ? -3.155  9.375   -9.236  1.00 24.44  ? 83  ASN A C   1 
ATOM   646 O O   . ASN A 1 86  ? -3.716  9.454   -10.330 1.00 22.28  ? 83  ASN A O   1 
ATOM   647 C CB  . ASN A 1 86  ? -1.999  11.531  -9.711  1.00 30.53  ? 83  ASN A CB  1 
ATOM   648 C CG  . ASN A 1 86  ? -1.612  12.899  -9.185  1.00 32.18  ? 83  ASN A CG  1 
ATOM   649 O OD1 . ASN A 1 86  ? -2.299  13.455  -8.331  1.00 25.98  ? 83  ASN A OD1 1 
ATOM   650 N ND2 . ASN A 1 86  ? -0.507  13.444  -9.688  1.00 25.55  ? 83  ASN A ND2 1 
ATOM   651 N N   . ARG A 1 87  ? -3.065  8.236   -8.553  1.00 17.79  ? 84  ARG A N   1 
ATOM   652 C CA  . ARG A 1 87  ? -3.827  7.065   -8.977  1.00 17.18  ? 84  ARG A CA  1 
ATOM   653 C C   . ARG A 1 87  ? -5.198  7.158   -8.342  1.00 20.96  ? 84  ARG A C   1 
ATOM   654 O O   . ARG A 1 87  ? -5.547  6.359   -7.469  1.00 17.90  ? 84  ARG A O   1 
ATOM   655 C CB  . ARG A 1 87  ? -3.137  5.755   -8.592  1.00 17.03  ? 84  ARG A CB  1 
ATOM   656 C CG  . ARG A 1 87  ? -1.980  5.366   -9.509  1.00 19.45  ? 84  ARG A CG  1 
ATOM   657 C CD  . ARG A 1 87  ? -2.428  5.237   -10.965 1.00 17.47  ? 84  ARG A CD  1 
ATOM   658 N NE  . ARG A 1 87  ? -3.470  4.218   -11.121 1.00 16.33  ? 84  ARG A NE  1 
ATOM   659 C CZ  . ARG A 1 87  ? -3.244  2.962   -11.488 1.00 18.40  ? 84  ARG A CZ  1 
ATOM   660 N NH1 . ARG A 1 87  ? -2.012  2.562   -11.758 1.00 18.62  ? 84  ARG A NH1 1 
ATOM   661 N NH2 . ARG A 1 87  ? -4.253  2.101   -11.585 1.00 16.92  ? 84  ARG A NH2 1 
ATOM   662 N N   . LYS A 1 88  ? -5.975  8.136   -8.796  1.00 20.22  ? 85  LYS A N   1 
ATOM   663 C CA  . LYS A 1 88  ? -7.285  8.422   -8.225  1.00 16.36  ? 85  LYS A CA  1 
ATOM   664 C C   . LYS A 1 88  ? -8.311  7.347   -8.563  1.00 19.79  ? 85  LYS A C   1 
ATOM   665 O O   . LYS A 1 88  ? -9.310  7.195   -7.852  1.00 20.10  ? 85  LYS A O   1 
ATOM   666 C CB  . LYS A 1 88  ? -7.774  9.793   -8.705  1.00 27.56  ? 85  LYS A CB  1 
ATOM   667 C CG  . LYS A 1 88  ? -6.820  10.947  -8.396  1.00 29.23  ? 85  LYS A CG  1 
ATOM   668 C CD  . LYS A 1 88  ? -6.803  11.287  -6.905  1.00 32.28  ? 85  LYS A CD  1 
ATOM   669 C CE  . LYS A 1 88  ? -5.831  12.431  -6.609  1.00 36.17  ? 85  LYS A CE  1 
ATOM   670 N NZ  . LYS A 1 88  ? -6.041  13.587  -7.529  1.00 41.70  ? 85  LYS A NZ  1 
ATOM   671 N N   . ASP A 1 89  ? -8.078  6.612   -9.650  1.00 14.83  ? 86  ASP A N   1 
ATOM   672 C CA  . ASP A 1 89  ? -8.921  5.470   -9.971  1.00 20.99  ? 86  ASP A CA  1 
ATOM   673 C C   . ASP A 1 89  ? -8.885  4.468   -8.809  1.00 17.97  ? 86  ASP A C   1 
ATOM   674 O O   . ASP A 1 89  ? -9.907  3.913   -8.422  1.00 20.66  ? 86  ASP A O   1 
ATOM   675 C CB  . ASP A 1 89  ? -8.498  4.807   -11.308 1.00 15.87  ? 86  ASP A CB  1 
ATOM   676 C CG  . ASP A 1 89  ? -7.054  4.308   -11.313 1.00 16.24  ? 86  ASP A CG  1 
ATOM   677 O OD1 . ASP A 1 89  ? -6.185  4.913   -10.660 1.00 15.86  ? 86  ASP A OD1 1 
ATOM   678 O OD2 . ASP A 1 89  ? -6.775  3.310   -12.014 1.00 19.03  ? 86  ASP A OD2 1 
ATOM   679 N N   . LEU A 1 90  ? -7.711  4.259   -8.232  1.00 16.58  ? 87  LEU A N   1 
ATOM   680 C CA  . LEU A 1 90  ? -7.576  3.330   -7.109  1.00 19.48  ? 87  LEU A CA  1 
ATOM   681 C C   . LEU A 1 90  ? -8.293  3.860   -5.865  1.00 20.18  ? 87  LEU A C   1 
ATOM   682 O O   . LEU A 1 90  ? -8.967  3.108   -5.166  1.00 20.95  ? 87  LEU A O   1 
ATOM   683 C CB  . LEU A 1 90  ? -6.091  3.063   -6.809  1.00 11.95  ? 87  LEU A CB  1 
ATOM   684 C CG  . LEU A 1 90  ? -5.292  2.397   -7.940  1.00 18.15  ? 87  LEU A CG  1 
ATOM   685 C CD1 . LEU A 1 90  ? -3.871  2.031   -7.504  1.00 19.41  ? 87  LEU A CD1 1 
ATOM   686 C CD2 . LEU A 1 90  ? -6.023  1.166   -8.507  1.00 15.34  ? 87  LEU A CD2 1 
ATOM   687 N N   . CYS A 1 91  ? -8.176  5.157   -5.596  1.00 17.49  ? 88  CYS A N   1 
ATOM   688 C CA  . CYS A 1 91  ? -8.871  5.741   -4.445  1.00 20.74  ? 88  CYS A CA  1 
ATOM   689 C C   . CYS A 1 91  ? -10.382 5.573   -4.581  1.00 20.47  ? 88  CYS A C   1 
ATOM   690 O O   . CYS A 1 91  ? -11.095 5.301   -3.604  1.00 19.57  ? 88  CYS A O   1 
ATOM   691 C CB  . CYS A 1 91  ? -8.518  7.220   -4.295  1.00 23.57  ? 88  CYS A CB  1 
ATOM   692 S SG  . CYS A 1 91  ? -6.796  7.476   -3.877  1.00 26.03  ? 88  CYS A SG  1 
ATOM   693 N N   . GLU A 1 92  ? -10.861 5.713   -5.807  1.00 18.41  ? 89  GLU A N   1 
ATOM   694 C CA  . GLU A 1 92  ? -12.284 5.607   -6.075  1.00 22.30  ? 89  GLU A CA  1 
ATOM   695 C C   . GLU A 1 92  ? -12.780 4.175   -5.898  1.00 23.14  ? 89  GLU A C   1 
ATOM   696 O O   . GLU A 1 92  ? -13.845 3.955   -5.339  1.00 21.53  ? 89  GLU A O   1 
ATOM   697 C CB  . GLU A 1 92  ? -12.605 6.095   -7.486  1.00 27.81  ? 89  GLU A CB  1 
ATOM   698 C CG  . GLU A 1 92  ? -13.846 6.966   -7.558  1.00 43.56  ? 89  GLU A CG  1 
ATOM   699 C CD  . GLU A 1 92  ? -13.776 8.154   -6.615  1.00 39.02  ? 89  GLU A CD  1 
ATOM   700 O OE1 . GLU A 1 92  ? -12.732 8.835   -6.595  1.00 44.92  ? 89  GLU A OE1 1 
ATOM   701 O OE2 . GLU A 1 92  ? -14.759 8.399   -5.882  1.00 50.47  ? 89  GLU A OE2 1 
ATOM   702 N N   . ARG A 1 93  ? -12.012 3.210   -6.394  1.00 19.99  ? 90  ARG A N   1 
ATOM   703 C CA  . ARG A 1 93  ? -12.373 1.803   -6.248  1.00 22.11  ? 90  ARG A CA  1 
ATOM   704 C C   . ARG A 1 93  ? -12.387 1.417   -4.770  1.00 17.86  ? 90  ARG A C   1 
ATOM   705 O O   . ARG A 1 93  ? -13.262 0.677   -4.324  1.00 20.23  ? 90  ARG A O   1 
ATOM   706 C CB  . ARG A 1 93  ? -11.406 0.911   -7.038  1.00 22.95  ? 90  ARG A CB  1 
ATOM   707 C CG  . ARG A 1 93  ? -11.805 -0.562  -7.134  1.00 25.72  ? 90  ARG A CG  1 
ATOM   708 C CD  . ARG A 1 93  ? -10.845 -1.327  -8.050  1.00 20.91  ? 90  ARG A CD  1 
ATOM   709 N NE  . ARG A 1 93  ? -10.871 -0.794  -9.411  1.00 30.61  ? 90  ARG A NE  1 
ATOM   710 C CZ  . ARG A 1 93  ? -9.803  -0.644  -10.190 1.00 23.06  ? 90  ARG A CZ  1 
ATOM   711 N NH1 . ARG A 1 93  ? -9.942  -0.144  -11.411 1.00 30.86  ? 90  ARG A NH1 1 
ATOM   712 N NH2 . ARG A 1 93  ? -8.598  -0.979  -9.756  1.00 19.43  ? 90  ARG A NH2 1 
ATOM   713 N N   . ALA A 1 94  ? -11.430 1.937   -4.005  1.00 20.17  ? 91  ALA A N   1 
ATOM   714 C CA  . ALA A 1 94  ? -11.367 1.652   -2.574  1.00 22.95  ? 91  ALA A CA  1 
ATOM   715 C C   . ALA A 1 94  ? -12.617 2.168   -1.861  1.00 19.30  ? 91  ALA A C   1 
ATOM   716 O O   . ALA A 1 94  ? -13.238 1.446   -1.066  1.00 20.05  ? 91  ALA A O   1 
ATOM   717 C CB  . ALA A 1 94  ? -10.117 2.247   -1.970  1.00 19.16  ? 91  ALA A CB  1 
ATOM   718 N N   . LYS A 1 95  ? -13.000 3.400   -2.173  1.00 19.30  ? 92  LYS A N   1 
ATOM   719 C CA  . LYS A 1 95  ? -14.234 3.973   -1.647  1.00 23.78  ? 92  LYS A CA  1 
ATOM   720 C C   . LYS A 1 95  ? -15.427 3.056   -1.934  1.00 22.96  ? 92  LYS A C   1 
ATOM   721 O O   . LYS A 1 95  ? -16.197 2.744   -1.031  1.00 24.45  ? 92  LYS A O   1 
ATOM   722 C CB  . LYS A 1 95  ? -14.489 5.364   -2.239  1.00 22.55  ? 92  LYS A CB  1 
ATOM   723 C CG  . LYS A 1 95  ? -13.551 6.453   -1.729  1.00 38.21  ? 92  LYS A CG  1 
ATOM   724 C CD  . LYS A 1 95  ? -13.687 7.732   -2.561  1.00 35.18  ? 92  LYS A CD  1 
ATOM   725 C CE  . LYS A 1 95  ? -12.555 8.707   -2.268  1.00 39.80  ? 92  LYS A CE  1 
ATOM   726 N NZ  . LYS A 1 95  ? -12.606 9.872   -3.198  1.00 57.26  ? 92  LYS A NZ  1 
ATOM   727 N N   . GLU A 1 96  ? -15.563 2.614   -3.181  1.00 17.80  ? 93  GLU A N   1 
ATOM   728 C CA  . GLU A 1 96  ? -16.701 1.787   -3.577  1.00 20.10  ? 93  GLU A CA  1 
ATOM   729 C C   . GLU A 1 96  ? -16.759 0.516   -2.732  1.00 25.19  ? 93  GLU A C   1 
ATOM   730 O O   . GLU A 1 96  ? -17.803 0.184   -2.160  1.00 24.74  ? 93  GLU A O   1 
ATOM   731 C CB  . GLU A 1 96  ? -16.617 1.451   -5.071  1.00 21.86  ? 93  GLU A CB  1 
ATOM   732 C CG  . GLU A 1 96  ? -16.865 2.671   -5.964  1.00 29.33  ? 93  GLU A CG  1 
ATOM   733 C CD  . GLU A 1 96  ? -16.647 2.417   -7.459  1.00 40.87  ? 93  GLU A CD  1 
ATOM   734 O OE1 . GLU A 1 96  ? -16.372 1.267   -7.869  1.00 31.16  ? 93  GLU A OE1 1 
ATOM   735 O OE2 . GLU A 1 96  ? -16.755 3.395   -8.231  1.00 48.68  ? 93  GLU A OE2 1 
ATOM   736 N N   . GLU A 1 97  ? -15.614 -0.154  -2.627  1.00 16.46  ? 94  GLU A N   1 
ATOM   737 C CA  . GLU A 1 97  ? -15.497 -1.421  -1.914  1.00 22.41  ? 94  GLU A CA  1 
ATOM   738 C C   . GLU A 1 97  ? -15.714 -1.286  -0.415  1.00 22.80  ? 94  GLU A C   1 
ATOM   739 O O   . GLU A 1 97  ? -16.467 -2.061  0.185   1.00 20.85  ? 94  GLU A O   1 
ATOM   740 C CB  . GLU A 1 97  ? -14.125 -2.043  -2.186  1.00 20.20  ? 94  GLU A CB  1 
ATOM   741 C CG  . GLU A 1 97  ? -13.931 -2.376  -3.643  1.00 19.91  ? 94  GLU A CG  1 
ATOM   742 C CD  . GLU A 1 97  ? -12.542 -2.868  -3.970  1.00 25.70  ? 94  GLU A CD  1 
ATOM   743 O OE1 . GLU A 1 97  ? -11.616 -2.678  -3.158  1.00 24.14  ? 94  GLU A OE1 1 
ATOM   744 O OE2 . GLU A 1 97  ? -12.381 -3.438  -5.062  1.00 24.46  ? 94  GLU A OE2 1 
ATOM   745 N N   . ILE A 1 98  ? -15.047 -0.315  0.195   1.00 22.17  ? 95  ILE A N   1 
ATOM   746 C CA  . ILE A 1 98  ? -15.206 -0.081  1.625   1.00 24.57  ? 95  ILE A CA  1 
ATOM   747 C C   . ILE A 1 98  ? -16.653 0.296   1.968   1.00 27.11  ? 95  ILE A C   1 
ATOM   748 O O   . ILE A 1 98  ? -17.225 -0.246  2.911   1.00 26.01  ? 95  ILE A O   1 
ATOM   749 C CB  . ILE A 1 98  ? -14.239 1.017   2.122   1.00 21.86  ? 95  ILE A CB  1 
ATOM   750 C CG1 . ILE A 1 98  ? -12.797 0.503   2.048   1.00 20.86  ? 95  ILE A CG1 1 
ATOM   751 C CG2 . ILE A 1 98  ? -14.555 1.384   3.564   1.00 23.54  ? 95  ILE A CG2 1 
ATOM   752 C CD1 . ILE A 1 98  ? -11.764 1.610   1.914   1.00 30.21  ? 95  ILE A CD1 1 
ATOM   753 N N   . ASN A 1 99  ? -17.251 1.199   1.192   1.00 23.67  ? 96  ASN A N   1 
ATOM   754 C CA  . ASN A 1 99  ? -18.636 1.605   1.431   1.00 27.70  ? 96  ASN A CA  1 
ATOM   755 C C   . ASN A 1 99  ? -19.657 0.456   1.294   1.00 32.62  ? 96  ASN A C   1 
ATOM   756 O O   . ASN A 1 99  ? -20.571 0.329   2.115   1.00 32.53  ? 96  ASN A O   1 
ATOM   757 C CB  . ASN A 1 99  ? -19.007 2.758   0.498   1.00 24.91  ? 96  ASN A CB  1 
ATOM   758 C CG  . ASN A 1 99  ? -18.244 4.041   0.832   1.00 34.59  ? 96  ASN A CG  1 
ATOM   759 O OD1 . ASN A 1 99  ? -17.688 4.174   1.921   1.00 31.17  ? 96  ASN A OD1 1 
ATOM   760 N ND2 . ASN A 1 99  ? -18.211 4.979   -0.104  1.00 33.73  ? 96  ASN A ND2 1 
ATOM   761 N N   . TRP A 1 100 ? -19.497 -0.378  0.269   1.00 27.39  ? 97  TRP A N   1 
ATOM   762 C CA  . TRP A 1 100 ? -20.373 -1.537  0.089   1.00 23.21  ? 97  TRP A CA  1 
ATOM   763 C C   . TRP A 1 100 ? -20.233 -2.548  1.232   1.00 28.73  ? 97  TRP A C   1 
ATOM   764 O O   . TRP A 1 100 ? -21.231 -3.018  1.773   1.00 29.91  ? 97  TRP A O   1 
ATOM   765 C CB  . TRP A 1 100 ? -20.087 -2.218  -1.249  1.00 26.04  ? 97  TRP A CB  1 
ATOM   766 C CG  . TRP A 1 100 ? -20.858 -3.498  -1.466  1.00 24.53  ? 97  TRP A CG  1 
ATOM   767 C CD1 . TRP A 1 100 ? -22.188 -3.619  -1.751  1.00 28.52  ? 97  TRP A CD1 1 
ATOM   768 C CD2 . TRP A 1 100 ? -20.330 -4.830  -1.436  1.00 25.38  ? 97  TRP A CD2 1 
ATOM   769 N NE1 . TRP A 1 100 ? -22.523 -4.945  -1.892  1.00 25.11  ? 97  TRP A NE1 1 
ATOM   770 C CE2 . TRP A 1 100 ? -21.402 -5.708  -1.703  1.00 27.73  ? 97  TRP A CE2 1 
ATOM   771 C CE3 . TRP A 1 100 ? -19.057 -5.364  -1.206  1.00 25.14  ? 97  TRP A CE3 1 
ATOM   772 C CZ2 . TRP A 1 100 ? -21.239 -7.093  -1.746  1.00 23.00  ? 97  TRP A CZ2 1 
ATOM   773 C CZ3 . TRP A 1 100 ? -18.898 -6.746  -1.247  1.00 24.97  ? 97  TRP A CZ3 1 
ATOM   774 C CH2 . TRP A 1 100 ? -19.986 -7.592  -1.515  1.00 22.53  ? 97  TRP A CH2 1 
ATOM   775 N N   . SER A 1 101 ? -18.993 -2.864  1.597   1.00 29.16  ? 98  SER A N   1 
ATOM   776 C CA  . SER A 1 101 ? -18.695 -3.795  2.680   1.00 31.85  ? 98  SER A CA  1 
ATOM   777 C C   . SER A 1 101 ? -19.283 -3.391  4.031   1.00 35.56  ? 98  SER A C   1 
ATOM   778 O O   . SER A 1 101 ? -19.745 -4.241  4.781   1.00 35.84  ? 98  SER A O   1 
ATOM   779 C CB  . SER A 1 101 ? -17.183 -3.958  2.829   1.00 34.39  ? 98  SER A CB  1 
ATOM   780 O OG  . SER A 1 101 ? -16.683 -4.897  1.898   1.00 41.89  ? 98  SER A OG  1 
ATOM   781 N N   . ALA A 1 102 ? -19.249 -2.099  4.348   1.00 39.19  ? 99  ALA A N   1 
ATOM   782 C CA  . ALA A 1 102 ? -19.776 -1.621  5.628   1.00 39.46  ? 99  ALA A CA  1 
ATOM   783 C C   . ALA A 1 102 ? -21.301 -1.686  5.660   1.00 48.73  ? 99  ALA A C   1 
ATOM   784 O O   . ALA A 1 102 ? -21.911 -1.750  6.731   1.00 50.70  ? 99  ALA A O   1 
ATOM   785 C CB  . ALA A 1 102 ? -19.305 -0.212  5.898   1.00 38.11  ? 99  ALA A CB  1 
ATOM   786 N N   . GLN A 1 103 ? -21.905 -1.665  4.475   1.00 39.02  ? 100 GLN A N   1 
ATOM   787 C CA  . GLN A 1 103 ? -23.354 -1.719  4.329   1.00 49.66  ? 100 GLN A CA  1 
ATOM   788 C C   . GLN A 1 103 ? -23.892 -3.141  4.536   1.00 45.50  ? 100 GLN A C   1 
ATOM   789 O O   . GLN A 1 103 ? -25.084 -3.341  4.756   1.00 50.11  ? 100 GLN A O   1 
ATOM   790 C CB  . GLN A 1 103 ? -23.759 -1.206  2.947   1.00 49.37  ? 100 GLN A CB  1 
ATOM   791 C CG  . GLN A 1 103 ? -25.144 -0.593  2.886   1.00 58.12  ? 100 GLN A CG  1 
ATOM   792 C CD  . GLN A 1 103 ? -25.185 0.811   3.464   1.00 64.59  ? 100 GLN A CD  1 
ATOM   793 O OE1 . GLN A 1 103 ? -25.922 1.080   4.416   1.00 57.22  ? 100 GLN A OE1 1 
ATOM   794 N NE2 . GLN A 1 103 ? -24.401 1.719   2.883   1.00 51.23  ? 100 GLN A NE2 1 
ATOM   795 N N   . LEU A 1 104 ? -22.997 -4.120  4.456   1.00 44.78  ? 101 LEU A N   1 
ATOM   796 C CA  . LEU A 1 104 ? -23.370 -5.528  4.552   1.00 51.91  ? 101 LEU A CA  1 
ATOM   797 C C   . LEU A 1 104 ? -23.891 -5.885  5.943   1.00 51.18  ? 101 LEU A C   1 
ATOM   798 O O   . LEU A 1 104 ? -23.409 -6.826  6.579   1.00 64.77  ? 101 LEU A O   1 
ATOM   799 C CB  . LEU A 1 104 ? -22.173 -6.416  4.191   1.00 45.36  ? 101 LEU A CB  1 
ATOM   800 C CG  . LEU A 1 104 ? -21.650 -6.326  2.750   1.00 38.22  ? 101 LEU A CG  1 
ATOM   801 C CD1 . LEU A 1 104 ? -20.330 -7.076  2.603   1.00 32.60  ? 101 LEU A CD1 1 
ATOM   802 C CD2 . LEU A 1 104 ? -22.680 -6.845  1.750   1.00 39.63  ? 101 LEU A CD2 1 
HETATM 803 O O   . HOH B 2 .   ? 13.504  3.339   5.403   1.00 21.26  ? 201 HOH A O   1 
HETATM 804 O O   . HOH B 2 .   ? 12.236  -10.480 -12.934 1.00 30.44  ? 202 HOH A O   1 
HETATM 805 O O   . HOH B 2 .   ? 12.287  13.562  3.088   1.00 27.31  ? 203 HOH A O   1 
HETATM 806 O O   . HOH B 2 .   ? -3.720  10.753  -0.322  1.00 23.49  ? 204 HOH A O   1 
HETATM 807 O O   . HOH B 2 .   ? 5.790   11.868  3.382   1.00 28.32  ? 205 HOH A O   1 
HETATM 808 O O   . HOH B 2 .   ? -6.678  -5.753  -8.992  1.00 25.37  ? 206 HOH A O   1 
HETATM 809 O O   . HOH B 2 .   ? -12.083 3.357   -10.092 1.00 28.44  ? 207 HOH A O   1 
HETATM 810 O O   . HOH B 2 .   ? -5.276  -0.421  -13.079 1.00 25.21  ? 208 HOH A O   1 
HETATM 811 O O   . HOH B 2 .   ? -0.803  1.427   -14.806 1.00 26.82  ? 209 HOH A O   1 
HETATM 812 O O   . HOH B 2 .   ? -2.730  -7.908  0.531   1.00 23.24  ? 210 HOH A O   1 
HETATM 813 O O   . HOH B 2 .   ? 4.215   -9.968  6.783   1.00 24.91  ? 211 HOH A O   1 
HETATM 814 O O   . HOH B 2 .   ? 4.937   -10.472 -6.437  1.00 32.20  ? 212 HOH A O   1 
HETATM 815 O O   . HOH B 2 .   ? -7.718  -5.585  -12.516 1.00 28.04  ? 213 HOH A O   1 
HETATM 816 O O   . HOH B 2 .   ? 4.775   9.757   1.765   1.00 28.47  ? 214 HOH A O   1 
HETATM 817 O O   . HOH B 2 .   ? 11.562  2.234   3.570   1.00 20.34  ? 215 HOH A O   1 
HETATM 818 O O   . HOH B 2 .   ? 0.560   7.061   -12.735 1.00 29.26  ? 216 HOH A O   1 
HETATM 819 O O   . HOH B 2 .   ? 9.405   -1.894  -10.540 1.00 32.66  ? 217 HOH A O   1 
HETATM 820 O O   . HOH B 2 .   ? 4.869   7.575   -11.273 1.00 35.00  ? 218 HOH A O   1 
HETATM 821 O O   . HOH B 2 .   ? -2.405  5.812   7.430   1.00 35.06  ? 219 HOH A O   1 
HETATM 822 O O   . HOH B 2 .   ? -19.945 0.366   -4.092  1.00 38.89  ? 220 HOH A O   1 
HETATM 823 O O   . HOH B 2 .   ? 0.984   7.026   3.378   1.00 28.35  ? 221 HOH A O   1 
HETATM 824 O O   . HOH B 2 .   ? 7.164   -12.033 2.083   1.00 35.10  ? 222 HOH A O   1 
HETATM 825 O O   . HOH B 2 .   ? 2.033   8.259   -10.702 1.00 32.91  ? 223 HOH A O   1 
HETATM 826 O O   . HOH B 2 .   ? -4.431  -10.728 -8.261  1.00 45.20  ? 224 HOH A O   1 
HETATM 827 O O   . HOH B 2 .   ? -0.805  -10.095 0.455   1.00 38.80  ? 225 HOH A O   1 
HETATM 828 O O   . HOH B 2 .   ? -0.442  1.643   -17.691 1.00 37.64  ? 226 HOH A O   1 
HETATM 829 O O   . HOH B 2 .   ? -2.737  -11.517 -0.271  1.00 31.77  ? 227 HOH A O   1 
HETATM 830 O O   . HOH B 2 .   ? -8.456  3.101   -14.198 1.00 29.98  ? 228 HOH A O   1 
HETATM 831 O O   . HOH B 2 .   ? 6.249   1.297   -16.390 1.00 37.69  ? 229 HOH A O   1 
HETATM 832 O O   . HOH B 2 .   ? 0.561   -0.390  -18.026 1.00 42.94  ? 230 HOH A O   1 
HETATM 833 O O   . HOH B 2 .   ? -11.863 1.421   -11.906 1.00 32.23  ? 231 HOH A O   1 
HETATM 834 O O   . HOH B 2 .   ? 12.689  -7.532  0.005   1.00 31.48  ? 232 HOH A O   1 
HETATM 835 O O   . HOH B 2 .   ? -10.957 2.942   -14.198 1.00 34.38  ? 233 HOH A O   1 
HETATM 836 O O   . HOH B 2 .   ? 8.618   -9.443  2.374   1.00 36.95  ? 234 HOH A O   1 
HETATM 837 O O   . HOH B 2 .   ? 1.535   -10.647 0.082   1.00 29.75  ? 235 HOH A O   1 
HETATM 838 O O   . HOH B 2 .   ? -16.052 5.745   -5.641  1.00 41.31  ? 236 HOH A O   1 
HETATM 839 O O   . HOH B 2 .   ? 6.346   -11.579 6.302   1.00 32.86  ? 237 HOH A O   1 
HETATM 840 O O   . HOH B 2 .   ? 0.582   7.370   6.421   1.00 34.72  ? 238 HOH A O   1 
HETATM 841 O O   . HOH B 2 .   ? 0.611   -13.389 -0.769  1.00 45.23  ? 239 HOH A O   1 
HETATM 842 O O   . HOH B 2 .   ? 3.265   4.748   -16.195 1.00 36.40  ? 240 HOH A O   1 
HETATM 843 O O   . HOH B 2 .   ? 12.538  -1.165  -11.755 1.00 39.61  ? 241 HOH A O   1 
HETATM 844 O O   . HOH B 2 .   ? 4.598   -2.893  -16.429 1.00 41.20  ? 242 HOH A O   1 
HETATM 845 O O   . HOH B 2 .   ? 8.318   -9.716  5.173   1.00 39.90  ? 243 HOH A O   1 
HETATM 846 O O   . HOH B 2 .   ? 3.743   -4.388  -14.991 1.00 41.48  ? 244 HOH A O   1 
HETATM 847 O O   . HOH B 2 .   ? 1.336   7.037   8.911   1.00 45.52  ? 245 HOH A O   1 
HETATM 848 O O   . HOH B 2 .   ? -4.885  -4.437  -14.365 1.00 40.19  ? 246 HOH A O   1 
HETATM 849 O O   . HOH B 2 .   ? 10.988  4.199   -12.715 1.00 39.33  ? 247 HOH A O   1 
HETATM 850 O O   . HOH B 2 .   ? -14.946 10.719  -2.602  1.00 42.81  ? 248 HOH A O   1 
HETATM 851 O O   . HOH B 2 .   ? 1.506   -4.537  -13.328 1.00 31.09  ? 249 HOH A O   1 
HETATM 852 O O   . HOH B 2 .   ? 18.656  -3.003  12.070  1.00 38.60  ? 250 HOH A O   1 
HETATM 853 O O   . HOH B 2 .   ? -3.127  -10.021 6.708   1.00 35.95  ? 251 HOH A O   1 
HETATM 854 O O   . HOH B 2 .   ? -7.316  0.570   -11.967 1.00 32.28  ? 252 HOH A O   1 
HETATM 855 O O   . HOH B 2 .   ? -16.702 10.474  -0.967  1.00 37.86  ? 253 HOH A O   1 
HETATM 856 O O   . HOH B 2 .   ? 2.068   9.267   2.045   1.00 40.28  ? 254 HOH A O   1 
# 
